data_1U3T
#
_entry.id   1U3T
#
_cell.length_a   56.000
_cell.length_b   71.470
_cell.length_c   92.790
_cell.angle_alpha   90.00
_cell.angle_beta   102.84
_cell.angle_gamma   90.00
#
_symmetry.space_group_name_H-M   'P 1 21 1'
#
loop_
_entity.id
_entity.type
_entity.pdbx_description
1 polymer 'Alcohol dehydrogenase alpha chain'
2 non-polymer 'ZINC ION'
3 non-polymer NICOTINAMIDE-ADENINE-DINUCLEOTIDE
4 non-polymer CYCLOBUTYL(CYCLOPENTYL)FORMAMIDE
5 water water
#
_entity_poly.entity_id   1
_entity_poly.type   'polypeptide(L)'
_entity_poly.pdbx_seq_one_letter_code
;STAGKVIKCKAAVLWELKKPFSIEEVEVAPPKAHEVRIKMVAVGICGTDDHVVSGTMVTPLPVILGHEAAGIVESVGEGV
TTVKPGDKVIPLAIPQCGKCRICKNPESNYCLKNDVSNPQGTLQDGTSRFTCRRKPIHHFLGISTFSQYTVVDENAVAKI
DAASPLEKVCLIGCGFSTGYGSAVNVAKVTPGSTCAVFGLGGVGLSAIMGCKAAGAARIIAVDINKDKFAKAKELGATEC
INPQDYKKPIQEVLKEMTDGGVDFSFEVIGRLDTMMASLLCCHEACGTSVIVGVPPDSQNLSMNPMLLLTGRTWKGAILG
GFKSKECVPKLVADFMAKKFSLDALITHVLPFEKINEGFDLLHSGKSIRTILMF
;
_entity_poly.pdbx_strand_id   A,B
#
# COMPACT_ATOMS: atom_id res chain seq x y z
N SER A 1 -7.94 -29.71 -44.44
CA SER A 1 -8.22 -28.49 -43.64
C SER A 1 -6.96 -27.89 -43.00
N THR A 2 -6.98 -27.67 -41.69
CA THR A 2 -5.84 -27.09 -40.99
C THR A 2 -5.48 -27.84 -39.73
N ALA A 3 -6.48 -28.38 -39.06
CA ALA A 3 -6.29 -29.12 -37.83
C ALA A 3 -5.19 -30.19 -37.88
N GLY A 4 -4.26 -30.11 -36.92
CA GLY A 4 -3.18 -31.06 -36.84
C GLY A 4 -1.93 -30.71 -37.61
N LYS A 5 -2.04 -29.78 -38.56
CA LYS A 5 -0.90 -29.38 -39.37
C LYS A 5 -0.36 -27.99 -39.03
N VAL A 6 0.87 -27.74 -39.48
CA VAL A 6 1.50 -26.45 -39.28
C VAL A 6 0.75 -25.47 -40.17
N ILE A 7 0.43 -24.30 -39.62
CA ILE A 7 -0.27 -23.28 -40.40
C ILE A 7 0.75 -22.23 -40.83
N LYS A 8 0.60 -21.74 -42.06
CA LYS A 8 1.46 -20.67 -42.55
C LYS A 8 0.57 -19.44 -42.63
N CYS A 9 1.01 -18.36 -42.00
CA CYS A 9 0.23 -17.11 -41.98
C CYS A 9 1.11 -15.92 -41.64
N LYS A 10 0.50 -14.75 -41.60
CA LYS A 10 1.23 -13.52 -41.27
C LYS A 10 1.09 -13.13 -39.81
N ALA A 11 2.13 -12.45 -39.32
CA ALA A 11 2.19 -11.97 -37.96
C ALA A 11 3.15 -10.79 -37.94
N ALA A 12 2.98 -9.93 -36.93
CA ALA A 12 3.86 -8.78 -36.79
C ALA A 12 5.01 -9.19 -35.90
N VAL A 13 6.18 -9.40 -36.49
CA VAL A 13 7.36 -9.80 -35.73
C VAL A 13 8.24 -8.61 -35.46
N LEU A 14 8.78 -8.57 -34.25
CA LEU A 14 9.68 -7.49 -33.84
C LEU A 14 11.08 -8.10 -33.63
N TRP A 15 11.93 -7.94 -34.64
CA TRP A 15 13.29 -8.46 -34.63
C TRP A 15 14.26 -7.66 -33.78
N GLU A 16 14.06 -6.35 -33.77
CA GLU A 16 14.95 -5.47 -33.03
C GLU A 16 14.17 -4.37 -32.32
N LEU A 17 14.75 -3.87 -31.23
CA LEU A 17 14.14 -2.80 -30.45
C LEU A 17 14.11 -1.52 -31.27
N LYS A 18 13.20 -0.62 -30.91
CA LYS A 18 13.07 0.67 -31.57
C LYS A 18 12.93 0.65 -33.08
N LYS A 19 12.34 -0.42 -33.60
CA LYS A 19 12.13 -0.57 -35.02
C LYS A 19 10.68 -0.90 -35.31
N PRO A 20 10.23 -0.61 -36.55
CA PRO A 20 8.85 -0.90 -36.90
C PRO A 20 8.61 -2.40 -36.92
N PHE A 21 7.36 -2.82 -36.72
CA PHE A 21 7.06 -4.24 -36.76
C PHE A 21 7.21 -4.65 -38.23
N SER A 22 7.39 -5.94 -38.47
CA SER A 22 7.55 -6.45 -39.82
C SER A 22 6.56 -7.57 -40.05
N ILE A 23 5.59 -7.34 -40.94
CA ILE A 23 4.61 -8.36 -41.28
C ILE A 23 5.35 -9.36 -42.14
N GLU A 24 5.38 -10.61 -41.71
CA GLU A 24 6.06 -11.66 -42.46
C GLU A 24 5.27 -12.96 -42.39
N GLU A 25 5.74 -14.00 -43.06
CA GLU A 25 5.05 -15.25 -43.01
C GLU A 25 5.62 -15.92 -41.74
N VAL A 26 4.76 -16.68 -41.05
CA VAL A 26 5.22 -17.38 -39.89
C VAL A 26 4.64 -18.75 -39.88
N GLU A 27 5.39 -19.72 -39.38
CA GLU A 27 4.88 -21.10 -39.29
C GLU A 27 4.40 -21.25 -37.86
N VAL A 28 3.13 -21.63 -37.72
CA VAL A 28 2.51 -21.81 -36.41
C VAL A 28 2.25 -23.30 -36.19
N ALA A 29 3.08 -23.92 -35.36
CA ALA A 29 2.94 -25.35 -35.04
C ALA A 29 1.57 -25.65 -34.45
N PRO A 30 1.05 -26.88 -34.63
CA PRO A 30 -0.27 -27.25 -34.09
C PRO A 30 -0.27 -27.29 -32.57
N PRO A 31 -1.44 -27.20 -31.94
CA PRO A 31 -1.52 -27.25 -30.48
C PRO A 31 -1.15 -28.60 -29.89
N LYS A 32 -0.38 -28.57 -28.81
CA LYS A 32 0.02 -29.79 -28.11
C LYS A 32 -1.00 -30.10 -27.03
N ALA A 33 -0.59 -30.87 -26.03
CA ALA A 33 -1.48 -31.25 -24.94
C ALA A 33 -1.90 -30.02 -24.12
N HIS A 34 -3.21 -29.81 -24.03
CA HIS A 34 -3.78 -28.71 -23.26
C HIS A 34 -3.41 -27.33 -23.80
N GLU A 35 -3.39 -27.23 -25.12
CA GLU A 35 -3.08 -25.98 -25.82
C GLU A 35 -4.22 -25.70 -26.80
N VAL A 36 -4.35 -24.45 -27.22
CA VAL A 36 -5.43 -24.10 -28.12
C VAL A 36 -4.92 -23.16 -29.20
N ARG A 37 -5.31 -23.43 -30.44
CA ARG A 37 -4.92 -22.58 -31.56
C ARG A 37 -6.09 -21.67 -31.87
N ILE A 38 -5.84 -20.36 -31.84
CA ILE A 38 -6.89 -19.39 -32.09
C ILE A 38 -6.65 -18.60 -33.37
N LYS A 39 -7.73 -18.37 -34.12
CA LYS A 39 -7.67 -17.57 -35.33
C LYS A 39 -8.08 -16.16 -34.85
N MET A 40 -7.15 -15.22 -34.93
CA MET A 40 -7.42 -13.86 -34.47
C MET A 40 -8.39 -13.10 -35.34
N VAL A 41 -9.30 -12.38 -34.69
CA VAL A 41 -10.28 -11.56 -35.39
C VAL A 41 -9.99 -10.08 -35.17
N ALA A 42 -9.74 -9.72 -33.91
CA ALA A 42 -9.46 -8.33 -33.57
C ALA A 42 -8.41 -8.25 -32.46
N VAL A 43 -7.62 -7.19 -32.47
CA VAL A 43 -6.60 -6.98 -31.45
C VAL A 43 -6.35 -5.49 -31.25
N GLY A 44 -6.41 -5.07 -29.99
CA GLY A 44 -6.19 -3.68 -29.66
C GLY A 44 -4.71 -3.42 -29.42
N ILE A 45 -4.33 -2.14 -29.51
CA ILE A 45 -2.97 -1.74 -29.26
C ILE A 45 -2.92 -1.12 -27.87
N CYS A 46 -2.14 -1.76 -26.99
CA CYS A 46 -1.96 -1.33 -25.59
C CYS A 46 -0.59 -0.67 -25.42
N GLY A 47 -0.47 0.16 -24.38
CA GLY A 47 0.79 0.84 -24.10
C GLY A 47 1.91 -0.12 -23.75
N THR A 48 1.55 -1.27 -23.18
CA THR A 48 2.49 -2.30 -22.82
C THR A 48 3.18 -2.86 -24.07
N ASP A 49 2.42 -3.01 -25.15
CA ASP A 49 2.98 -3.51 -26.40
C ASP A 49 4.06 -2.53 -26.86
N ASP A 50 3.76 -1.24 -26.70
CA ASP A 50 4.68 -0.17 -27.09
C ASP A 50 5.94 -0.15 -26.21
N HIS A 51 5.78 -0.49 -24.94
CA HIS A 51 6.91 -0.50 -24.00
C HIS A 51 7.98 -1.50 -24.43
N VAL A 52 7.54 -2.62 -24.99
CA VAL A 52 8.47 -3.65 -25.47
C VAL A 52 9.30 -3.08 -26.63
N VAL A 53 8.62 -2.44 -27.57
CA VAL A 53 9.26 -1.82 -28.73
C VAL A 53 10.30 -0.79 -28.31
N SER A 54 9.96 0.01 -27.29
CA SER A 54 10.85 1.04 -26.78
C SER A 54 12.00 0.52 -25.92
N GLY A 55 11.94 -0.76 -25.56
CA GLY A 55 12.97 -1.34 -24.71
C GLY A 55 12.69 -1.00 -23.26
N THR A 56 11.52 -0.41 -23.01
CA THR A 56 11.10 -0.03 -21.66
C THR A 56 10.64 -1.26 -20.87
N MET A 57 10.02 -2.21 -21.57
CA MET A 57 9.59 -3.45 -20.92
C MET A 57 10.41 -4.56 -21.56
N VAL A 58 11.34 -5.11 -20.79
CA VAL A 58 12.18 -6.18 -21.29
C VAL A 58 11.43 -7.50 -21.44
N THR A 59 11.72 -8.18 -22.54
CA THR A 59 11.15 -9.48 -22.88
C THR A 59 12.04 -9.98 -24.02
N PRO A 60 12.25 -11.30 -24.11
CA PRO A 60 13.09 -11.89 -25.16
C PRO A 60 12.67 -11.60 -26.59
N LEU A 61 13.67 -11.25 -27.41
CA LEU A 61 13.47 -10.96 -28.83
C LEU A 61 14.20 -12.05 -29.64
N PRO A 62 13.74 -12.32 -30.88
CA PRO A 62 12.61 -11.69 -31.56
C PRO A 62 11.32 -12.13 -30.90
N VAL A 63 10.25 -11.37 -31.09
CA VAL A 63 8.99 -11.71 -30.46
C VAL A 63 7.77 -11.22 -31.24
N ILE A 64 6.63 -11.89 -31.04
CA ILE A 64 5.36 -11.52 -31.67
C ILE A 64 4.50 -10.95 -30.52
N LEU A 65 4.34 -9.64 -30.48
CA LEU A 65 3.58 -9.01 -29.40
C LEU A 65 2.08 -9.13 -29.57
N GLY A 66 1.35 -8.32 -28.80
CA GLY A 66 -0.09 -8.35 -28.89
C GLY A 66 -0.69 -9.17 -27.74
N HIS A 67 -1.68 -8.64 -27.03
CA HIS A 67 -2.25 -9.40 -25.93
C HIS A 67 -3.70 -8.99 -25.60
N GLU A 68 -4.24 -8.00 -26.29
CA GLU A 68 -5.60 -7.52 -26.08
C GLU A 68 -6.32 -7.97 -27.35
N ALA A 69 -6.79 -9.22 -27.37
CA ALA A 69 -7.45 -9.75 -28.55
C ALA A 69 -8.65 -10.64 -28.33
N ALA A 70 -9.23 -11.03 -29.47
CA ALA A 70 -10.39 -11.89 -29.51
C ALA A 70 -10.35 -12.63 -30.85
N GLY A 71 -10.69 -13.91 -30.81
CA GLY A 71 -10.70 -14.72 -32.01
C GLY A 71 -11.64 -15.89 -31.90
N ILE A 72 -11.48 -16.84 -32.82
CA ILE A 72 -12.29 -18.04 -32.85
C ILE A 72 -11.36 -19.24 -32.81
N VAL A 73 -11.75 -20.26 -32.05
CA VAL A 73 -10.93 -21.46 -31.90
C VAL A 73 -10.84 -22.25 -33.18
N GLU A 74 -9.62 -22.44 -33.64
CA GLU A 74 -9.34 -23.20 -34.86
C GLU A 74 -9.30 -24.68 -34.46
N SER A 75 -8.43 -25.01 -33.51
CA SER A 75 -8.30 -26.38 -33.03
C SER A 75 -7.88 -26.46 -31.58
N VAL A 76 -8.22 -27.57 -30.93
CA VAL A 76 -7.86 -27.80 -29.54
C VAL A 76 -6.88 -28.98 -29.56
N GLY A 77 -5.96 -29.00 -28.61
CA GLY A 77 -5.00 -30.07 -28.52
C GLY A 77 -5.53 -31.21 -27.66
N GLU A 78 -4.65 -32.14 -27.30
CA GLU A 78 -5.02 -33.26 -26.46
C GLU A 78 -5.46 -32.82 -25.06
N GLY A 79 -6.60 -33.33 -24.62
CA GLY A 79 -7.08 -33.00 -23.30
C GLY A 79 -7.83 -31.73 -23.02
N VAL A 80 -7.97 -30.87 -24.02
CA VAL A 80 -8.71 -29.62 -23.83
C VAL A 80 -10.20 -29.89 -23.57
N THR A 81 -10.77 -29.21 -22.57
CA THR A 81 -12.18 -29.43 -22.24
C THR A 81 -13.02 -28.16 -22.05
N THR A 82 -12.35 -27.01 -21.98
CA THR A 82 -13.04 -25.74 -21.75
C THR A 82 -13.54 -25.00 -22.99
N VAL A 83 -12.89 -25.25 -24.11
CA VAL A 83 -13.27 -24.61 -25.37
C VAL A 83 -13.21 -25.65 -26.50
N LYS A 84 -14.01 -25.42 -27.54
CA LYS A 84 -14.04 -26.31 -28.70
C LYS A 84 -13.88 -25.47 -29.97
N PRO A 85 -13.45 -26.09 -31.08
CA PRO A 85 -13.29 -25.34 -32.32
C PRO A 85 -14.59 -24.62 -32.69
N GLY A 86 -14.47 -23.36 -33.11
CA GLY A 86 -15.63 -22.59 -33.47
C GLY A 86 -16.09 -21.66 -32.36
N ASP A 87 -15.57 -21.87 -31.15
CA ASP A 87 -15.92 -21.03 -30.01
C ASP A 87 -15.23 -19.68 -30.06
N LYS A 88 -15.96 -18.64 -29.67
CA LYS A 88 -15.40 -17.30 -29.62
C LYS A 88 -14.63 -17.22 -28.31
N VAL A 89 -13.39 -16.77 -28.38
CA VAL A 89 -12.55 -16.71 -27.20
C VAL A 89 -11.66 -15.48 -27.10
N ILE A 90 -11.35 -15.13 -25.86
CA ILE A 90 -10.46 -14.04 -25.55
C ILE A 90 -9.26 -14.69 -24.85
N PRO A 91 -8.06 -14.60 -25.47
CA PRO A 91 -6.87 -15.19 -24.84
C PRO A 91 -6.48 -14.35 -23.62
N LEU A 92 -6.04 -15.02 -22.55
CA LEU A 92 -5.71 -14.35 -21.29
C LEU A 92 -4.23 -13.98 -21.11
N ALA A 93 -3.97 -12.67 -21.03
CA ALA A 93 -2.59 -12.16 -20.89
C ALA A 93 -1.95 -12.68 -19.60
N ILE A 94 -2.81 -13.05 -18.65
CA ILE A 94 -2.37 -13.65 -17.39
C ILE A 94 -3.30 -14.85 -17.24
N PRO A 95 -2.72 -16.04 -17.18
CA PRO A 95 -3.53 -17.26 -17.05
C PRO A 95 -4.19 -17.51 -15.68
N GLN A 96 -4.95 -18.61 -15.59
CA GLN A 96 -5.58 -18.94 -14.31
C GLN A 96 -5.50 -20.46 -14.29
N CYS A 97 -4.34 -20.98 -13.91
CA CYS A 97 -4.11 -22.41 -13.85
C CYS A 97 -5.08 -23.13 -12.91
N GLY A 98 -5.64 -22.40 -11.96
CA GLY A 98 -6.57 -22.97 -11.00
C GLY A 98 -5.94 -23.89 -9.95
N LYS A 99 -4.66 -24.22 -10.10
CA LYS A 99 -4.00 -25.10 -9.14
C LYS A 99 -2.97 -24.46 -8.18
N CYS A 100 -2.62 -23.21 -8.40
CA CYS A 100 -1.62 -22.57 -7.55
C CYS A 100 -2.19 -21.80 -6.34
N ARG A 101 -1.32 -21.54 -5.36
CA ARG A 101 -1.67 -20.80 -4.14
C ARG A 101 -2.44 -19.52 -4.46
N ILE A 102 -2.01 -18.83 -5.52
CA ILE A 102 -2.64 -17.59 -5.95
C ILE A 102 -4.01 -17.81 -6.57
N CYS A 103 -4.13 -18.83 -7.40
CA CYS A 103 -5.41 -19.15 -8.04
C CYS A 103 -6.39 -19.63 -6.97
N LYS A 104 -5.87 -20.25 -5.91
CA LYS A 104 -6.68 -20.76 -4.82
C LYS A 104 -7.14 -19.65 -3.87
N ASN A 105 -6.43 -18.52 -3.91
CA ASN A 105 -6.75 -17.36 -3.06
C ASN A 105 -7.78 -16.53 -3.81
N PRO A 106 -9.02 -16.47 -3.32
CA PRO A 106 -10.03 -15.68 -4.03
C PRO A 106 -9.79 -14.15 -3.99
N GLU A 107 -8.68 -13.73 -3.37
CA GLU A 107 -8.38 -12.30 -3.30
C GLU A 107 -7.32 -11.84 -4.31
N SER A 108 -6.63 -12.79 -4.94
CA SER A 108 -5.57 -12.46 -5.91
C SER A 108 -5.83 -13.05 -7.29
N ASN A 109 -5.05 -12.62 -8.28
CA ASN A 109 -5.23 -13.10 -9.65
C ASN A 109 -3.92 -13.34 -10.40
N TYR A 110 -2.80 -12.96 -9.79
CA TYR A 110 -1.49 -13.12 -10.43
C TYR A 110 -1.00 -14.57 -10.39
N CYS A 111 -1.64 -15.42 -11.20
CA CYS A 111 -1.29 -16.84 -11.29
C CYS A 111 0.20 -17.07 -11.52
N LEU A 112 0.77 -18.06 -10.85
CA LEU A 112 2.20 -18.36 -10.99
C LEU A 112 2.61 -18.70 -12.42
N LYS A 113 1.65 -19.14 -13.24
CA LYS A 113 1.93 -19.51 -14.62
C LYS A 113 2.05 -18.32 -15.59
N ASN A 114 2.07 -17.10 -15.03
CA ASN A 114 2.22 -15.88 -15.80
C ASN A 114 3.63 -15.80 -16.37
N ASP A 115 3.79 -15.07 -17.46
CA ASP A 115 5.11 -14.92 -18.05
C ASP A 115 5.55 -13.46 -17.86
N VAL A 116 5.01 -12.82 -16.82
CA VAL A 116 5.35 -11.43 -16.56
C VAL A 116 6.53 -11.26 -15.61
N SER A 117 6.53 -11.99 -14.50
CA SER A 117 7.63 -11.87 -13.53
C SER A 117 9.01 -12.12 -14.12
N ASN A 118 9.20 -13.29 -14.73
CA ASN A 118 10.49 -13.63 -15.34
C ASN A 118 10.19 -14.07 -16.77
N PRO A 119 9.97 -13.11 -17.67
CA PRO A 119 9.67 -13.41 -19.07
C PRO A 119 10.61 -14.38 -19.79
N GLN A 120 10.03 -15.50 -20.22
CA GLN A 120 10.74 -16.54 -20.93
C GLN A 120 10.46 -16.42 -22.42
N GLY A 121 9.26 -15.94 -22.76
CA GLY A 121 8.88 -15.81 -24.14
C GLY A 121 8.47 -17.12 -24.77
N THR A 122 7.86 -18.00 -23.97
CA THR A 122 7.41 -19.33 -24.41
C THR A 122 6.03 -19.61 -23.86
N LEU A 123 5.54 -20.82 -24.14
CA LEU A 123 4.27 -21.26 -23.59
C LEU A 123 4.65 -21.87 -22.23
N GLN A 124 3.66 -22.37 -21.50
CA GLN A 124 3.97 -22.91 -20.19
C GLN A 124 4.93 -24.11 -20.12
N ASP A 125 5.06 -24.84 -21.23
CA ASP A 125 5.97 -25.99 -21.29
C ASP A 125 7.42 -25.59 -21.63
N GLY A 126 7.68 -24.29 -21.65
CA GLY A 126 9.02 -23.79 -21.94
C GLY A 126 9.45 -23.76 -23.40
N THR A 127 8.51 -23.90 -24.33
CA THR A 127 8.85 -23.88 -25.76
C THR A 127 8.02 -22.93 -26.63
N SER A 128 8.48 -22.76 -27.87
CA SER A 128 7.80 -21.91 -28.83
C SER A 128 7.07 -22.71 -29.90
N ARG A 129 6.06 -22.08 -30.48
CA ARG A 129 5.25 -22.68 -31.54
C ARG A 129 5.44 -21.85 -32.80
N PHE A 130 6.25 -20.80 -32.69
CA PHE A 130 6.51 -19.88 -33.79
C PHE A 130 7.86 -20.04 -34.42
N THR A 131 7.86 -19.99 -35.75
CA THR A 131 9.07 -20.04 -36.52
C THR A 131 8.85 -19.07 -37.69
N CYS A 132 9.88 -18.28 -38.00
CA CYS A 132 9.81 -17.35 -39.10
C CYS A 132 11.18 -17.42 -39.72
N ARG A 133 11.22 -17.94 -40.94
CA ARG A 133 12.46 -18.11 -41.69
C ARG A 133 13.48 -19.01 -40.97
N ARG A 134 13.03 -20.18 -40.52
CA ARG A 134 13.89 -21.18 -39.87
C ARG A 134 14.52 -20.73 -38.55
N LYS A 135 14.02 -19.61 -38.03
CA LYS A 135 14.47 -19.08 -36.74
C LYS A 135 13.24 -18.99 -35.83
N PRO A 136 13.31 -19.61 -34.65
CA PRO A 136 12.18 -19.58 -33.72
C PRO A 136 11.90 -18.16 -33.23
N ILE A 137 10.63 -17.87 -32.98
CA ILE A 137 10.21 -16.55 -32.51
C ILE A 137 9.56 -16.68 -31.15
N HIS A 138 9.88 -15.77 -30.24
CA HIS A 138 9.33 -15.79 -28.88
C HIS A 138 7.87 -15.38 -28.81
N HIS A 139 7.21 -15.84 -27.76
CA HIS A 139 5.82 -15.50 -27.49
C HIS A 139 5.86 -14.30 -26.56
N PHE A 140 4.70 -13.71 -26.28
CA PHE A 140 4.60 -12.57 -25.40
C PHE A 140 3.41 -12.79 -24.50
N LEU A 141 3.66 -12.76 -23.19
CA LEU A 141 2.63 -12.98 -22.17
C LEU A 141 1.87 -14.28 -22.48
N GLY A 142 2.54 -15.19 -23.18
CA GLY A 142 1.96 -16.47 -23.45
C GLY A 142 0.86 -16.47 -24.47
N ILE A 143 0.52 -15.28 -24.98
CA ILE A 143 -0.55 -15.21 -25.94
C ILE A 143 -0.30 -14.73 -27.34
N SER A 144 0.72 -13.89 -27.52
CA SER A 144 1.14 -13.36 -28.83
C SER A 144 -0.03 -13.21 -29.83
N THR A 145 -0.81 -12.14 -29.70
CA THR A 145 -1.95 -11.92 -30.61
C THR A 145 -1.75 -11.12 -31.91
N PHE A 146 -0.56 -10.58 -32.15
CA PHE A 146 -0.27 -9.83 -33.38
C PHE A 146 0.06 -10.89 -34.44
N SER A 147 -0.87 -11.83 -34.62
CA SER A 147 -0.70 -12.91 -35.57
C SER A 147 -2.08 -13.40 -35.96
N GLN A 148 -2.22 -13.82 -37.21
CA GLN A 148 -3.50 -14.32 -37.71
C GLN A 148 -3.88 -15.59 -36.97
N TYR A 149 -2.86 -16.30 -36.49
CA TYR A 149 -3.07 -17.54 -35.73
C TYR A 149 -2.08 -17.60 -34.58
N THR A 150 -2.52 -18.11 -33.44
CA THR A 150 -1.64 -18.25 -32.29
C THR A 150 -2.04 -19.44 -31.43
N VAL A 151 -1.05 -20.03 -30.79
CA VAL A 151 -1.28 -21.18 -29.92
C VAL A 151 -0.98 -20.73 -28.51
N VAL A 152 -1.93 -20.94 -27.63
CA VAL A 152 -1.78 -20.56 -26.23
C VAL A 152 -2.16 -21.74 -25.35
N ASP A 153 -1.83 -21.66 -24.07
CA ASP A 153 -2.17 -22.73 -23.11
C ASP A 153 -3.66 -22.68 -22.81
N GLU A 154 -4.23 -23.83 -22.44
CA GLU A 154 -5.67 -23.90 -22.16
C GLU A 154 -6.10 -22.98 -21.01
N ASN A 155 -5.29 -22.91 -19.96
CA ASN A 155 -5.58 -22.04 -18.83
C ASN A 155 -5.36 -20.56 -19.16
N ALA A 156 -4.97 -20.29 -20.42
CA ALA A 156 -4.74 -18.94 -20.92
C ALA A 156 -5.72 -18.55 -22.02
N VAL A 157 -6.94 -19.07 -21.92
CA VAL A 157 -7.99 -18.75 -22.88
C VAL A 157 -9.37 -18.98 -22.27
N ALA A 158 -10.29 -18.06 -22.53
CA ALA A 158 -11.62 -18.15 -21.99
C ALA A 158 -12.68 -18.11 -23.09
N LYS A 159 -13.65 -19.01 -22.98
CA LYS A 159 -14.75 -19.09 -23.93
C LYS A 159 -15.71 -17.96 -23.60
N ILE A 160 -16.08 -17.17 -24.61
CA ILE A 160 -17.00 -16.05 -24.37
C ILE A 160 -18.29 -16.19 -25.19
N ASP A 161 -19.28 -15.34 -24.90
CA ASP A 161 -20.57 -15.35 -25.61
C ASP A 161 -20.37 -15.40 -27.12
N ALA A 162 -20.95 -16.41 -27.77
CA ALA A 162 -20.81 -16.58 -29.20
C ALA A 162 -21.43 -15.44 -30.00
N ALA A 163 -22.32 -14.67 -29.36
CA ALA A 163 -22.95 -13.54 -30.03
C ALA A 163 -22.21 -12.25 -29.73
N SER A 164 -20.94 -12.36 -29.37
CA SER A 164 -20.11 -11.21 -29.03
C SER A 164 -19.50 -10.45 -30.20
N PRO A 165 -19.47 -9.12 -30.10
CA PRO A 165 -18.89 -8.29 -31.16
C PRO A 165 -17.39 -8.30 -30.85
N LEU A 166 -16.69 -9.27 -31.44
CA LEU A 166 -15.26 -9.45 -31.21
C LEU A 166 -14.39 -8.20 -31.42
N GLU A 167 -14.86 -7.27 -32.24
CA GLU A 167 -14.10 -6.06 -32.50
C GLU A 167 -14.19 -5.09 -31.33
N LYS A 168 -15.16 -5.31 -30.45
CA LYS A 168 -15.37 -4.49 -29.27
C LYS A 168 -14.85 -5.17 -27.99
N VAL A 169 -15.32 -6.39 -27.75
CA VAL A 169 -14.95 -7.13 -26.54
C VAL A 169 -13.47 -7.45 -26.36
N CYS A 170 -12.65 -7.31 -27.40
CA CYS A 170 -11.22 -7.59 -27.25
C CYS A 170 -10.64 -6.72 -26.15
N LEU A 171 -11.17 -5.51 -26.00
CA LEU A 171 -10.71 -4.56 -25.00
C LEU A 171 -10.83 -5.12 -23.59
N ILE A 172 -11.74 -6.07 -23.39
CA ILE A 172 -11.94 -6.71 -22.10
C ILE A 172 -10.76 -7.62 -21.75
N GLY A 173 -9.97 -7.96 -22.77
CA GLY A 173 -8.82 -8.82 -22.55
C GLY A 173 -7.66 -8.11 -21.86
N CYS A 174 -7.74 -6.79 -21.70
CA CYS A 174 -6.69 -6.02 -21.02
C CYS A 174 -7.13 -4.62 -20.64
N GLY A 175 -7.11 -3.72 -21.63
CA GLY A 175 -7.46 -2.33 -21.42
C GLY A 175 -8.58 -2.01 -20.47
N PHE A 176 -9.81 -2.37 -20.82
CA PHE A 176 -10.96 -2.06 -19.98
C PHE A 176 -10.92 -2.71 -18.62
N SER A 177 -10.75 -4.02 -18.62
CA SER A 177 -10.71 -4.78 -17.38
C SER A 177 -9.70 -4.21 -16.40
N THR A 178 -8.49 -3.93 -16.89
CA THR A 178 -7.41 -3.39 -16.07
C THR A 178 -7.77 -2.04 -15.44
N GLY A 179 -8.27 -1.12 -16.28
CA GLY A 179 -8.65 0.19 -15.79
C GLY A 179 -9.86 0.17 -14.85
N TYR A 180 -10.92 -0.51 -15.27
CA TYR A 180 -12.15 -0.60 -14.52
C TYR A 180 -11.99 -1.31 -13.18
N GLY A 181 -11.27 -2.42 -13.20
CA GLY A 181 -11.04 -3.18 -11.99
C GLY A 181 -10.16 -2.48 -10.99
N SER A 182 -9.14 -1.79 -11.49
CA SER A 182 -8.23 -1.04 -10.65
C SER A 182 -9.03 -0.14 -9.71
N ALA A 183 -10.11 0.42 -10.22
CA ALA A 183 -10.98 1.32 -9.46
C ALA A 183 -11.93 0.57 -8.55
N VAL A 184 -12.66 -0.39 -9.13
CA VAL A 184 -13.64 -1.19 -8.41
C VAL A 184 -13.09 -2.32 -7.53
N ASN A 185 -12.19 -3.13 -8.05
CA ASN A 185 -11.64 -4.24 -7.28
C ASN A 185 -10.46 -3.92 -6.37
N VAL A 186 -9.45 -3.28 -6.95
CA VAL A 186 -8.23 -2.94 -6.22
C VAL A 186 -8.41 -1.78 -5.23
N ALA A 187 -8.61 -0.59 -5.75
CA ALA A 187 -8.79 0.59 -4.93
C ALA A 187 -10.04 0.45 -4.05
N LYS A 188 -11.10 -0.11 -4.62
CA LYS A 188 -12.37 -0.30 -3.92
C LYS A 188 -12.93 1.11 -3.65
N VAL A 189 -13.02 1.92 -4.72
CA VAL A 189 -13.51 3.30 -4.64
C VAL A 189 -14.89 3.40 -4.01
N THR A 190 -15.00 4.28 -3.02
CA THR A 190 -16.24 4.49 -2.27
C THR A 190 -17.15 5.60 -2.76
N PRO A 191 -18.47 5.39 -2.64
CA PRO A 191 -19.46 6.39 -3.07
C PRO A 191 -19.19 7.70 -2.31
N GLY A 192 -19.20 8.82 -3.05
CA GLY A 192 -18.98 10.12 -2.45
C GLY A 192 -17.53 10.54 -2.27
N SER A 193 -16.58 9.75 -2.79
CA SER A 193 -15.17 10.05 -2.66
C SER A 193 -14.60 10.86 -3.81
N THR A 194 -13.37 11.30 -3.65
CA THR A 194 -12.67 12.07 -4.65
C THR A 194 -11.53 11.25 -5.21
N CYS A 195 -11.47 11.15 -6.54
CA CYS A 195 -10.44 10.36 -7.20
C CYS A 195 -9.60 11.24 -8.12
N ALA A 196 -8.39 10.77 -8.39
CA ALA A 196 -7.48 11.43 -9.31
C ALA A 196 -6.91 10.36 -10.20
N VAL A 197 -7.04 10.55 -11.51
CA VAL A 197 -6.52 9.60 -12.48
C VAL A 197 -5.52 10.24 -13.41
N PHE A 198 -4.27 9.78 -13.31
CA PHE A 198 -3.16 10.25 -14.14
C PHE A 198 -3.08 9.35 -15.37
N GLY A 199 -3.15 9.93 -16.56
CA GLY A 199 -3.07 9.16 -17.79
C GLY A 199 -4.45 8.87 -18.34
N LEU A 200 -4.70 9.29 -19.58
CA LEU A 200 -6.01 9.12 -20.21
C LEU A 200 -6.03 8.31 -21.50
N GLY A 201 -5.36 7.17 -21.45
CA GLY A 201 -5.35 6.29 -22.60
C GLY A 201 -6.56 5.39 -22.41
N GLY A 202 -6.58 4.24 -23.05
CA GLY A 202 -7.71 3.33 -22.92
C GLY A 202 -7.88 2.81 -21.51
N VAL A 203 -6.76 2.48 -20.88
CA VAL A 203 -6.76 1.97 -19.53
C VAL A 203 -7.15 3.05 -18.54
N GLY A 204 -6.52 4.22 -18.67
CA GLY A 204 -6.82 5.34 -17.78
C GLY A 204 -8.27 5.79 -17.83
N LEU A 205 -8.81 5.83 -19.04
CA LEU A 205 -10.21 6.22 -19.24
C LEU A 205 -11.17 5.18 -18.68
N SER A 206 -10.75 3.93 -18.65
CA SER A 206 -11.58 2.87 -18.11
C SER A 206 -11.58 2.98 -16.59
N ALA A 207 -10.51 3.55 -16.04
CA ALA A 207 -10.39 3.76 -14.60
C ALA A 207 -11.42 4.82 -14.19
N ILE A 208 -11.55 5.86 -15.02
CA ILE A 208 -12.52 6.92 -14.78
C ILE A 208 -13.91 6.27 -14.84
N MET A 209 -14.09 5.33 -15.78
CA MET A 209 -15.36 4.62 -15.88
C MET A 209 -15.64 3.92 -14.56
N GLY A 210 -14.64 3.19 -14.06
CA GLY A 210 -14.76 2.48 -12.79
C GLY A 210 -15.04 3.38 -11.61
N CYS A 211 -14.48 4.57 -11.62
CA CYS A 211 -14.70 5.54 -10.53
C CYS A 211 -16.12 6.08 -10.53
N LYS A 212 -16.65 6.33 -11.72
CA LYS A 212 -18.00 6.84 -11.86
C LYS A 212 -18.99 5.76 -11.39
N ALA A 213 -18.78 4.53 -11.86
CA ALA A 213 -19.63 3.40 -11.49
C ALA A 213 -19.58 3.11 -9.98
N ALA A 214 -18.49 3.52 -9.34
CA ALA A 214 -18.31 3.31 -7.89
C ALA A 214 -19.01 4.40 -7.08
N GLY A 215 -19.48 5.44 -7.76
CA GLY A 215 -20.17 6.53 -7.12
C GLY A 215 -19.31 7.68 -6.62
N ALA A 216 -18.10 7.82 -7.15
CA ALA A 216 -17.22 8.90 -6.74
C ALA A 216 -17.85 10.26 -6.96
N ALA A 217 -17.70 11.15 -5.98
CA ALA A 217 -18.25 12.50 -6.06
C ALA A 217 -17.47 13.31 -7.08
N ARG A 218 -16.15 13.34 -6.92
CA ARG A 218 -15.26 14.06 -7.83
C ARG A 218 -14.29 13.10 -8.50
N ILE A 219 -14.01 13.34 -9.77
CA ILE A 219 -13.05 12.52 -10.52
C ILE A 219 -12.23 13.48 -11.34
N ILE A 220 -11.01 13.70 -10.89
CA ILE A 220 -10.09 14.61 -11.56
C ILE A 220 -9.17 13.85 -12.50
N ALA A 221 -9.33 14.11 -13.80
CA ALA A 221 -8.50 13.49 -14.83
C ALA A 221 -7.26 14.37 -15.02
N VAL A 222 -6.11 13.74 -15.23
CA VAL A 222 -4.86 14.49 -15.41
C VAL A 222 -4.10 13.96 -16.63
N ASP A 223 -3.66 14.86 -17.50
CA ASP A 223 -2.93 14.47 -18.68
C ASP A 223 -2.26 15.67 -19.34
N ILE A 224 -1.11 15.43 -19.97
CA ILE A 224 -0.39 16.49 -20.66
C ILE A 224 -0.97 16.66 -22.06
N ASN A 225 -1.93 15.81 -22.42
CA ASN A 225 -2.57 15.92 -23.72
C ASN A 225 -4.01 16.36 -23.51
N LYS A 226 -4.29 17.63 -23.83
CA LYS A 226 -5.62 18.20 -23.66
C LYS A 226 -6.70 17.60 -24.56
N ASP A 227 -6.28 17.01 -25.68
CA ASP A 227 -7.22 16.41 -26.63
C ASP A 227 -7.95 15.23 -26.01
N LYS A 228 -7.44 14.74 -24.89
CA LYS A 228 -8.06 13.62 -24.19
C LYS A 228 -9.16 14.06 -23.22
N PHE A 229 -9.17 15.36 -22.90
CA PHE A 229 -10.12 15.90 -21.94
C PHE A 229 -11.59 15.71 -22.27
N ALA A 230 -11.95 15.79 -23.55
CA ALA A 230 -13.35 15.61 -23.96
C ALA A 230 -13.87 14.22 -23.61
N LYS A 231 -13.10 13.20 -23.99
CA LYS A 231 -13.45 11.80 -23.72
C LYS A 231 -13.49 11.58 -22.20
N ALA A 232 -12.54 12.17 -21.49
CA ALA A 232 -12.47 12.05 -20.03
C ALA A 232 -13.78 12.54 -19.40
N LYS A 233 -14.20 13.74 -19.76
CA LYS A 233 -15.43 14.31 -19.24
C LYS A 233 -16.64 13.43 -19.62
N GLU A 234 -16.61 12.91 -20.85
CA GLU A 234 -17.70 12.09 -21.35
C GLU A 234 -17.88 10.81 -20.55
N LEU A 235 -16.75 10.26 -20.09
CA LEU A 235 -16.75 9.03 -19.31
C LEU A 235 -16.89 9.20 -17.80
N GLY A 236 -16.97 10.44 -17.33
CA GLY A 236 -17.15 10.64 -15.89
C GLY A 236 -16.28 11.66 -15.17
N ALA A 237 -15.19 12.11 -15.79
CA ALA A 237 -14.31 13.10 -15.16
C ALA A 237 -15.07 14.38 -14.85
N THR A 238 -15.06 14.80 -13.58
CA THR A 238 -15.74 15.99 -13.14
C THR A 238 -14.95 17.24 -13.51
N GLU A 239 -13.66 17.04 -13.76
CA GLU A 239 -12.74 18.12 -14.15
C GLU A 239 -11.45 17.56 -14.72
N CYS A 240 -10.85 18.27 -15.66
CA CYS A 240 -9.61 17.83 -16.29
C CYS A 240 -8.56 18.91 -16.17
N ILE A 241 -7.35 18.53 -15.77
CA ILE A 241 -6.27 19.49 -15.60
C ILE A 241 -4.98 19.01 -16.26
N ASN A 242 -4.20 19.97 -16.78
CA ASN A 242 -2.94 19.67 -17.42
C ASN A 242 -1.80 20.26 -16.58
N PRO A 243 -0.87 19.41 -16.13
CA PRO A 243 0.28 19.82 -15.32
C PRO A 243 1.07 20.96 -15.93
N GLN A 244 1.23 20.93 -17.25
CA GLN A 244 1.98 21.96 -17.98
C GLN A 244 1.45 23.38 -17.79
N ASP A 245 0.23 23.50 -17.29
CA ASP A 245 -0.41 24.81 -17.08
C ASP A 245 -0.16 25.47 -15.73
N TYR A 246 0.43 24.73 -14.78
CA TYR A 246 0.69 25.27 -13.45
C TYR A 246 2.16 25.44 -13.19
N LYS A 247 2.49 26.40 -12.32
CA LYS A 247 3.87 26.69 -11.94
C LYS A 247 4.33 25.72 -10.86
N LYS A 248 3.38 25.25 -10.04
CA LYS A 248 3.71 24.30 -8.98
C LYS A 248 3.46 22.85 -9.40
N PRO A 249 4.12 21.91 -8.69
CA PRO A 249 3.99 20.47 -8.95
C PRO A 249 2.54 20.05 -8.86
N ILE A 250 2.10 19.23 -9.81
CA ILE A 250 0.72 18.78 -9.86
C ILE A 250 0.17 18.22 -8.54
N GLN A 251 0.99 17.51 -7.77
CA GLN A 251 0.52 16.97 -6.50
C GLN A 251 0.05 18.07 -5.54
N GLU A 252 0.76 19.19 -5.54
CA GLU A 252 0.37 20.30 -4.69
C GLU A 252 -0.93 20.93 -5.20
N VAL A 253 -1.03 21.01 -6.53
CA VAL A 253 -2.19 21.57 -7.20
C VAL A 253 -3.41 20.77 -6.81
N LEU A 254 -3.28 19.44 -6.88
CA LEU A 254 -4.38 18.56 -6.52
C LEU A 254 -4.77 18.64 -5.04
N LYS A 255 -3.79 18.72 -4.14
CA LYS A 255 -4.07 18.81 -2.70
C LYS A 255 -4.86 20.09 -2.38
N GLU A 256 -4.43 21.20 -2.97
CA GLU A 256 -5.07 22.50 -2.80
C GLU A 256 -6.52 22.48 -3.24
N MET A 257 -6.82 21.73 -4.30
CA MET A 257 -8.20 21.65 -4.78
C MET A 257 -9.01 20.54 -4.12
N THR A 258 -8.38 19.73 -3.27
CA THR A 258 -9.07 18.64 -2.59
C THR A 258 -8.95 18.56 -1.07
N ASP A 259 -8.72 19.70 -0.43
CA ASP A 259 -8.63 19.79 1.02
C ASP A 259 -7.57 18.84 1.63
N GLY A 260 -6.38 18.84 1.05
CA GLY A 260 -5.33 18.00 1.59
C GLY A 260 -4.97 16.79 0.75
N GLY A 261 -5.85 16.43 -0.19
CA GLY A 261 -5.59 15.29 -1.06
C GLY A 261 -6.79 14.42 -1.39
N VAL A 262 -6.73 13.72 -2.53
CA VAL A 262 -7.81 12.85 -2.93
C VAL A 262 -7.85 11.58 -2.08
N ASP A 263 -8.97 10.89 -2.11
CA ASP A 263 -9.11 9.64 -1.38
C ASP A 263 -8.43 8.50 -2.13
N PHE A 264 -8.53 8.51 -3.46
CA PHE A 264 -7.94 7.47 -4.30
C PHE A 264 -7.19 8.04 -5.49
N SER A 265 -5.92 7.68 -5.62
CA SER A 265 -5.09 8.13 -6.76
C SER A 265 -4.82 6.94 -7.64
N PHE A 266 -4.73 7.19 -8.93
CA PHE A 266 -4.43 6.15 -9.89
C PHE A 266 -3.42 6.68 -10.86
N GLU A 267 -2.36 5.91 -11.08
CA GLU A 267 -1.35 6.29 -12.06
C GLU A 267 -1.50 5.29 -13.20
N VAL A 268 -1.92 5.78 -14.35
CA VAL A 268 -2.08 4.91 -15.51
C VAL A 268 -1.31 5.46 -16.69
N ILE A 269 -0.01 5.65 -16.47
CA ILE A 269 0.88 6.17 -17.50
C ILE A 269 2.12 5.28 -17.59
N GLY A 270 2.83 5.14 -16.47
CA GLY A 270 4.01 4.32 -16.43
C GLY A 270 5.30 5.12 -16.30
N ARG A 271 5.27 6.11 -15.41
CA ARG A 271 6.44 6.96 -15.19
C ARG A 271 6.71 7.13 -13.70
N LEU A 272 7.98 7.20 -13.34
CA LEU A 272 8.34 7.36 -11.94
C LEU A 272 7.82 8.67 -11.34
N ASP A 273 8.02 9.78 -12.06
CA ASP A 273 7.55 11.08 -11.56
C ASP A 273 6.05 11.11 -11.30
N THR A 274 5.25 10.59 -12.23
CA THR A 274 3.80 10.57 -12.03
C THR A 274 3.36 9.61 -10.93
N MET A 275 4.07 8.49 -10.78
CA MET A 275 3.74 7.54 -9.72
C MET A 275 3.99 8.21 -8.37
N MET A 276 5.06 9.00 -8.29
CA MET A 276 5.37 9.70 -7.06
C MET A 276 4.32 10.79 -6.81
N ALA A 277 4.03 11.59 -7.84
CA ALA A 277 3.03 12.65 -7.72
C ALA A 277 1.68 12.08 -7.31
N SER A 278 1.33 10.93 -7.89
CA SER A 278 0.07 10.27 -7.61
C SER A 278 -0.03 9.86 -6.14
N LEU A 279 1.04 9.27 -5.62
CA LEU A 279 1.09 8.87 -4.22
C LEU A 279 0.96 10.12 -3.35
N LEU A 280 1.73 11.14 -3.72
CA LEU A 280 1.74 12.44 -3.03
C LEU A 280 0.44 13.23 -3.07
N CYS A 281 -0.41 12.98 -4.06
CA CYS A 281 -1.66 13.72 -4.18
C CYS A 281 -2.83 13.15 -3.39
N CYS A 282 -2.73 11.92 -2.89
CA CYS A 282 -3.84 11.39 -2.09
C CYS A 282 -3.64 11.87 -0.64
N HIS A 283 -4.69 11.95 0.16
CA HIS A 283 -4.50 12.45 1.52
C HIS A 283 -3.61 11.54 2.36
N GLU A 284 -2.62 12.15 3.01
CA GLU A 284 -1.66 11.45 3.84
C GLU A 284 -2.28 10.61 4.95
N ALA A 285 -3.48 11.00 5.41
CA ALA A 285 -4.10 10.27 6.50
C ALA A 285 -5.15 9.21 6.12
N CYS A 286 -5.65 9.26 4.90
CA CYS A 286 -6.67 8.31 4.45
C CYS A 286 -6.61 7.97 2.95
N GLY A 287 -5.63 8.50 2.24
CA GLY A 287 -5.53 8.22 0.82
C GLY A 287 -5.00 6.86 0.41
N THR A 288 -5.53 6.37 -0.69
CA THR A 288 -5.11 5.10 -1.26
C THR A 288 -4.61 5.45 -2.66
N SER A 289 -3.45 4.93 -3.03
CA SER A 289 -2.89 5.18 -4.35
C SER A 289 -2.60 3.85 -5.00
N VAL A 290 -3.14 3.69 -6.20
CA VAL A 290 -2.99 2.47 -6.97
C VAL A 290 -2.10 2.65 -8.19
N ILE A 291 -1.10 1.79 -8.32
CA ILE A 291 -0.22 1.84 -9.46
C ILE A 291 -0.83 0.92 -10.53
N VAL A 292 -1.06 1.47 -11.71
CA VAL A 292 -1.60 0.69 -12.81
C VAL A 292 -0.56 0.69 -13.94
N GLY A 293 0.04 1.85 -14.18
CA GLY A 293 1.04 1.95 -15.23
C GLY A 293 2.27 1.08 -15.01
N VAL A 294 2.83 0.60 -16.11
CA VAL A 294 4.03 -0.23 -16.05
C VAL A 294 5.24 0.71 -16.16
N PRO A 295 6.10 0.74 -15.13
CA PRO A 295 7.29 1.61 -15.13
C PRO A 295 8.44 1.05 -15.95
N PRO A 296 9.37 1.92 -16.39
CA PRO A 296 10.50 1.45 -17.18
C PRO A 296 11.45 0.54 -16.40
N ASP A 297 11.86 -0.51 -17.10
CA ASP A 297 12.77 -1.52 -16.57
C ASP A 297 14.01 -0.92 -15.93
N SER A 298 14.40 -1.49 -14.79
CA SER A 298 15.59 -1.07 -14.06
C SER A 298 15.63 0.38 -13.59
N GLN A 299 14.48 0.94 -13.26
CA GLN A 299 14.39 2.31 -12.78
C GLN A 299 13.73 2.27 -11.41
N ASN A 300 14.37 2.90 -10.44
CA ASN A 300 13.81 2.91 -9.09
C ASN A 300 13.38 4.27 -8.60
N LEU A 301 12.38 4.26 -7.74
CA LEU A 301 11.85 5.47 -7.13
C LEU A 301 12.62 5.75 -5.86
N SER A 302 12.68 7.03 -5.50
CA SER A 302 13.34 7.47 -4.29
C SER A 302 12.18 7.94 -3.44
N MET A 303 11.77 7.15 -2.45
CA MET A 303 10.63 7.56 -1.64
C MET A 303 10.82 7.44 -0.13
N ASN A 304 10.17 8.36 0.59
CA ASN A 304 10.24 8.41 2.03
C ASN A 304 9.12 7.56 2.61
N PRO A 305 9.47 6.57 3.44
CA PRO A 305 8.46 5.70 4.05
C PRO A 305 7.46 6.48 4.90
N MET A 306 7.83 7.67 5.35
CA MET A 306 6.93 8.49 6.17
C MET A 306 5.67 8.86 5.41
N LEU A 307 5.73 8.80 4.08
CA LEU A 307 4.56 9.11 3.28
C LEU A 307 3.45 8.10 3.53
N LEU A 308 3.81 6.89 3.95
CA LEU A 308 2.82 5.85 4.22
C LEU A 308 2.51 5.78 5.72
N LEU A 309 3.53 6.01 6.55
CA LEU A 309 3.40 5.96 8.02
C LEU A 309 2.22 6.76 8.58
N THR A 310 1.91 7.90 7.97
CA THR A 310 0.82 8.74 8.44
C THR A 310 -0.57 8.15 8.18
N GLY A 311 -0.65 7.17 7.29
CA GLY A 311 -1.94 6.55 7.03
C GLY A 311 -2.29 6.21 5.60
N ARG A 312 -1.31 6.27 4.70
CA ARG A 312 -1.55 5.98 3.29
C ARG A 312 -1.42 4.53 2.93
N THR A 313 -2.14 4.11 1.90
CA THR A 313 -2.10 2.74 1.41
C THR A 313 -1.62 2.85 -0.02
N TRP A 314 -0.59 2.08 -0.36
CA TRP A 314 -0.02 2.10 -1.70
C TRP A 314 -0.11 0.69 -2.28
N LYS A 315 -0.88 0.52 -3.35
CA LYS A 315 -1.05 -0.78 -3.97
C LYS A 315 -0.92 -0.81 -5.48
N GLY A 316 -0.80 -2.02 -6.00
CA GLY A 316 -0.68 -2.22 -7.42
C GLY A 316 -1.41 -3.49 -7.76
N ALA A 317 -1.68 -3.69 -9.05
CA ALA A 317 -2.37 -4.89 -9.53
C ALA A 317 -2.22 -5.04 -11.03
N ILE A 318 -2.48 -6.25 -11.48
CA ILE A 318 -2.39 -6.57 -12.89
C ILE A 318 -3.76 -7.06 -13.33
N LEU A 319 -4.21 -6.57 -14.47
CA LEU A 319 -5.51 -6.91 -15.05
C LEU A 319 -6.68 -6.54 -14.14
N GLY A 320 -6.50 -5.42 -13.43
CA GLY A 320 -7.53 -4.94 -12.52
C GLY A 320 -7.91 -5.88 -11.39
N GLY A 321 -7.00 -6.79 -11.05
CA GLY A 321 -7.28 -7.74 -9.99
C GLY A 321 -8.27 -8.83 -10.36
N PHE A 322 -8.66 -8.90 -11.64
CA PHE A 322 -9.62 -9.92 -12.10
C PHE A 322 -8.99 -11.28 -12.40
N LYS A 323 -9.59 -12.36 -11.90
CA LYS A 323 -9.08 -13.68 -12.22
C LYS A 323 -9.52 -13.85 -13.69
N SER A 324 -8.53 -13.94 -14.57
CA SER A 324 -8.72 -14.01 -16.02
C SER A 324 -9.78 -14.93 -16.61
N LYS A 325 -9.54 -16.23 -16.57
CA LYS A 325 -10.46 -17.23 -17.13
C LYS A 325 -11.88 -17.13 -16.59
N GLU A 326 -11.95 -16.85 -15.31
CA GLU A 326 -13.18 -16.74 -14.56
C GLU A 326 -13.98 -15.46 -14.81
N CYS A 327 -13.31 -14.32 -14.75
CA CYS A 327 -13.96 -13.02 -14.91
C CYS A 327 -14.14 -12.46 -16.32
N VAL A 328 -13.24 -12.80 -17.23
CA VAL A 328 -13.34 -12.31 -18.61
C VAL A 328 -14.69 -12.61 -19.25
N PRO A 329 -15.16 -13.87 -19.18
CA PRO A 329 -16.46 -14.22 -19.78
C PRO A 329 -17.63 -13.48 -19.11
N LYS A 330 -17.48 -13.21 -17.82
CA LYS A 330 -18.50 -12.50 -17.06
C LYS A 330 -18.53 -11.01 -17.42
N LEU A 331 -17.34 -10.46 -17.69
CA LEU A 331 -17.22 -9.06 -18.06
C LEU A 331 -17.87 -8.90 -19.44
N VAL A 332 -17.72 -9.91 -20.31
CA VAL A 332 -18.33 -9.89 -21.64
C VAL A 332 -19.85 -10.02 -21.44
N ALA A 333 -20.26 -10.90 -20.53
CA ALA A 333 -21.67 -11.10 -20.24
C ALA A 333 -22.29 -9.77 -19.82
N ASP A 334 -21.54 -8.99 -19.04
CA ASP A 334 -21.99 -7.68 -18.57
C ASP A 334 -22.09 -6.70 -19.73
N PHE A 335 -21.15 -6.80 -20.67
CA PHE A 335 -21.13 -5.94 -21.84
C PHE A 335 -22.39 -6.19 -22.68
N MET A 336 -22.70 -7.46 -22.87
CA MET A 336 -23.87 -7.87 -23.63
C MET A 336 -25.17 -7.43 -22.95
N ALA A 337 -25.11 -7.23 -21.64
CA ALA A 337 -26.27 -6.79 -20.87
C ALA A 337 -26.31 -5.27 -20.78
N LYS A 338 -25.46 -4.63 -21.58
CA LYS A 338 -25.37 -3.18 -21.64
C LYS A 338 -24.97 -2.52 -20.32
N LYS A 339 -24.21 -3.24 -19.50
CA LYS A 339 -23.73 -2.71 -18.21
C LYS A 339 -22.74 -1.56 -18.45
N PHE A 340 -21.97 -1.64 -19.53
CA PHE A 340 -20.98 -0.62 -19.89
C PHE A 340 -20.75 -0.63 -21.39
N SER A 341 -20.34 0.52 -21.93
CA SER A 341 -20.07 0.68 -23.34
C SER A 341 -18.55 0.74 -23.51
N LEU A 342 -18.07 0.30 -24.67
CA LEU A 342 -16.63 0.31 -24.95
C LEU A 342 -16.34 1.19 -26.14
N ASP A 343 -17.40 1.68 -26.77
CA ASP A 343 -17.32 2.52 -27.96
C ASP A 343 -16.43 3.75 -27.86
N ALA A 344 -16.55 4.50 -26.77
CA ALA A 344 -15.74 5.71 -26.60
C ALA A 344 -14.24 5.43 -26.61
N LEU A 345 -13.86 4.24 -26.15
CA LEU A 345 -12.46 3.86 -26.09
C LEU A 345 -11.85 3.60 -27.49
N ILE A 346 -12.70 3.15 -28.43
CA ILE A 346 -12.30 2.84 -29.79
C ILE A 346 -12.40 4.07 -30.69
N THR A 347 -11.25 4.62 -31.05
CA THR A 347 -11.22 5.81 -31.89
C THR A 347 -10.79 5.56 -33.33
N HIS A 348 -10.05 4.47 -33.54
CA HIS A 348 -9.56 4.11 -34.88
C HIS A 348 -9.63 2.62 -35.12
N VAL A 349 -9.82 2.24 -36.38
CA VAL A 349 -9.90 0.84 -36.78
C VAL A 349 -9.12 0.67 -38.09
N LEU A 350 -8.07 -0.14 -38.02
CA LEU A 350 -7.20 -0.40 -39.16
C LEU A 350 -7.05 -1.88 -39.41
N PRO A 351 -6.67 -2.24 -40.65
CA PRO A 351 -6.49 -3.66 -40.94
C PRO A 351 -5.16 -4.06 -40.30
N PHE A 352 -5.06 -5.32 -39.86
CA PHE A 352 -3.86 -5.83 -39.22
C PHE A 352 -2.56 -5.39 -39.88
N GLU A 353 -2.57 -5.29 -41.21
CA GLU A 353 -1.37 -4.90 -41.94
C GLU A 353 -0.89 -3.48 -41.61
N LYS A 354 -1.82 -2.62 -41.21
CA LYS A 354 -1.48 -1.24 -40.87
C LYS A 354 -1.02 -1.10 -39.41
N ILE A 355 -0.52 -2.19 -38.82
CA ILE A 355 -0.08 -2.17 -37.42
C ILE A 355 0.86 -1.00 -37.06
N ASN A 356 1.86 -0.72 -37.90
CA ASN A 356 2.78 0.38 -37.62
C ASN A 356 2.07 1.74 -37.56
N GLU A 357 1.04 1.93 -38.38
CA GLU A 357 0.26 3.17 -38.38
C GLU A 357 -0.43 3.29 -37.02
N GLY A 358 -0.95 2.16 -36.56
CA GLY A 358 -1.64 2.11 -35.28
C GLY A 358 -0.76 2.55 -34.13
N PHE A 359 0.53 2.23 -34.20
CA PHE A 359 1.44 2.65 -33.15
C PHE A 359 1.82 4.12 -33.32
N ASP A 360 1.83 4.59 -34.57
CA ASP A 360 2.13 5.99 -34.86
C ASP A 360 0.98 6.83 -34.26
N LEU A 361 -0.24 6.29 -34.34
CA LEU A 361 -1.42 6.95 -33.80
C LEU A 361 -1.32 7.11 -32.29
N LEU A 362 -0.79 6.08 -31.63
CA LEU A 362 -0.62 6.12 -30.18
C LEU A 362 0.36 7.22 -29.80
N HIS A 363 1.46 7.31 -30.55
CA HIS A 363 2.49 8.33 -30.31
C HIS A 363 1.99 9.76 -30.53
N SER A 364 1.16 9.95 -31.55
CA SER A 364 0.60 11.26 -31.89
C SER A 364 -0.38 11.78 -30.85
N GLY A 365 -0.94 10.85 -30.06
CA GLY A 365 -1.91 11.22 -29.05
C GLY A 365 -3.29 11.45 -29.63
N LYS A 366 -3.48 11.04 -30.88
CA LYS A 366 -4.77 11.22 -31.56
C LYS A 366 -5.71 10.06 -31.28
N SER A 367 -5.15 8.93 -30.85
CA SER A 367 -5.98 7.77 -30.57
C SER A 367 -5.99 7.34 -29.12
N ILE A 368 -7.05 6.63 -28.77
CA ILE A 368 -7.19 6.05 -27.45
C ILE A 368 -6.88 4.60 -27.79
N ARG A 369 -7.89 3.87 -28.27
CA ARG A 369 -7.66 2.48 -28.67
C ARG A 369 -7.87 2.30 -30.16
N THR A 370 -6.87 1.74 -30.84
CA THR A 370 -6.93 1.47 -32.27
C THR A 370 -7.07 -0.03 -32.38
N ILE A 371 -8.13 -0.47 -33.03
CA ILE A 371 -8.38 -1.91 -33.19
C ILE A 371 -7.91 -2.42 -34.54
N LEU A 372 -7.09 -3.46 -34.52
CA LEU A 372 -6.57 -4.06 -35.75
C LEU A 372 -7.43 -5.26 -36.14
N MET A 373 -8.01 -5.19 -37.34
CA MET A 373 -8.84 -6.28 -37.86
C MET A 373 -8.04 -7.24 -38.73
N PHE A 374 -8.25 -8.53 -38.53
CA PHE A 374 -7.56 -9.53 -39.33
C PHE A 374 -8.39 -9.92 -40.56
N SER B 1 -3.55 25.30 47.64
CA SER B 1 -3.85 24.32 46.55
C SER B 1 -2.81 24.41 45.42
N THR B 2 -3.15 23.89 44.25
CA THR B 2 -2.27 23.91 43.08
C THR B 2 -3.01 24.64 41.95
N ALA B 3 -4.31 24.36 41.85
CA ALA B 3 -5.19 24.91 40.83
C ALA B 3 -5.06 26.41 40.59
N GLY B 4 -4.94 26.77 39.32
CA GLY B 4 -4.83 28.17 38.94
C GLY B 4 -3.44 28.78 38.99
N LYS B 5 -2.51 28.12 39.69
CA LYS B 5 -1.16 28.67 39.80
C LYS B 5 -0.09 27.82 39.13
N VAL B 6 1.06 28.45 38.88
CA VAL B 6 2.21 27.79 38.26
C VAL B 6 2.74 26.72 39.20
N ILE B 7 2.93 25.51 38.69
CA ILE B 7 3.47 24.43 39.51
C ILE B 7 4.96 24.30 39.28
N LYS B 8 5.69 24.09 40.38
CA LYS B 8 7.12 23.88 40.29
C LYS B 8 7.31 22.39 40.51
N CYS B 9 7.97 21.73 39.56
CA CYS B 9 8.18 20.29 39.64
C CYS B 9 9.38 19.84 38.83
N LYS B 10 9.64 18.54 38.83
CA LYS B 10 10.76 18.01 38.07
C LYS B 10 10.31 17.30 36.79
N ALA B 11 11.14 17.40 35.77
CA ALA B 11 10.88 16.80 34.47
C ALA B 11 12.21 16.49 33.80
N ALA B 12 12.21 15.50 32.92
CA ALA B 12 13.41 15.12 32.19
C ALA B 12 13.51 16.00 30.96
N VAL B 13 14.43 16.96 31.01
CA VAL B 13 14.66 17.89 29.92
C VAL B 13 15.81 17.42 29.04
N LEU B 14 15.67 17.63 27.73
CA LEU B 14 16.71 17.25 26.78
C LEU B 14 17.21 18.57 26.18
N TRP B 15 18.40 18.99 26.61
CA TRP B 15 19.00 20.25 26.14
C TRP B 15 19.74 20.11 24.81
N GLU B 16 20.46 19.00 24.67
CA GLU B 16 21.25 18.72 23.46
C GLU B 16 20.95 17.30 22.99
N LEU B 17 21.18 17.06 21.71
CA LEU B 17 20.97 15.74 21.13
C LEU B 17 22.09 14.84 21.62
N LYS B 18 21.87 13.53 21.57
CA LYS B 18 22.87 12.53 21.98
C LYS B 18 23.45 12.81 23.37
N LYS B 19 22.60 13.30 24.27
CA LYS B 19 22.98 13.63 25.63
C LYS B 19 22.05 12.94 26.60
N PRO B 20 22.46 12.81 27.87
CA PRO B 20 21.55 12.15 28.82
C PRO B 20 20.47 13.15 29.23
N PHE B 21 19.32 12.65 29.66
CA PHE B 21 18.25 13.54 30.11
C PHE B 21 18.74 14.22 31.39
N SER B 22 18.23 15.40 31.67
CA SER B 22 18.62 16.11 32.87
C SER B 22 17.36 16.43 33.63
N ILE B 23 17.16 15.78 34.77
CA ILE B 23 15.97 16.09 35.56
C ILE B 23 16.29 17.39 36.29
N GLU B 24 15.47 18.40 36.03
CA GLU B 24 15.65 19.71 36.65
C GLU B 24 14.31 20.20 37.15
N GLU B 25 14.28 21.41 37.70
CA GLU B 25 13.03 21.98 38.17
C GLU B 25 12.46 22.84 37.04
N VAL B 26 11.21 22.56 36.69
CA VAL B 26 10.54 23.27 35.63
C VAL B 26 9.28 23.92 36.15
N GLU B 27 8.89 25.02 35.52
CA GLU B 27 7.69 25.74 35.89
C GLU B 27 6.58 25.33 34.91
N VAL B 28 5.50 24.77 35.45
CA VAL B 28 4.37 24.36 34.62
C VAL B 28 3.20 25.32 34.81
N ALA B 29 2.99 26.18 33.81
CA ALA B 29 1.92 27.16 33.86
C ALA B 29 0.57 26.44 33.93
N PRO B 30 -0.43 27.09 34.55
CA PRO B 30 -1.76 26.50 34.68
C PRO B 30 -2.47 26.32 33.33
N PRO B 31 -3.46 25.41 33.27
CA PRO B 31 -4.18 25.18 32.01
C PRO B 31 -5.01 26.36 31.54
N LYS B 32 -5.04 26.57 30.23
CA LYS B 32 -5.82 27.64 29.64
C LYS B 32 -7.14 27.03 29.16
N ALA B 33 -7.87 27.77 28.35
CA ALA B 33 -9.15 27.30 27.84
C ALA B 33 -9.04 25.98 27.06
N HIS B 34 -9.81 24.98 27.50
CA HIS B 34 -9.86 23.67 26.88
C HIS B 34 -8.52 22.92 26.93
N GLU B 35 -7.83 23.07 28.05
CA GLU B 35 -6.56 22.41 28.31
C GLU B 35 -6.70 21.68 29.64
N VAL B 36 -5.80 20.74 29.90
CA VAL B 36 -5.86 19.94 31.13
C VAL B 36 -4.46 19.73 31.71
N ARG B 37 -4.31 19.93 33.01
CA ARG B 37 -3.03 19.69 33.66
C ARG B 37 -3.15 18.35 34.36
N ILE B 38 -2.21 17.46 34.08
CA ILE B 38 -2.21 16.11 34.65
C ILE B 38 -0.99 15.82 35.51
N LYS B 39 -1.21 15.07 36.59
CA LYS B 39 -0.11 14.65 37.48
C LYS B 39 0.27 13.27 37.00
N MET B 40 1.47 13.17 36.42
CA MET B 40 1.95 11.89 35.90
C MET B 40 2.21 10.83 36.95
N VAL B 41 1.68 9.63 36.72
CA VAL B 41 1.85 8.51 37.65
C VAL B 41 2.81 7.45 37.09
N ALA B 42 2.64 7.11 35.81
CA ALA B 42 3.50 6.12 35.17
C ALA B 42 3.74 6.51 33.72
N VAL B 43 4.94 6.20 33.21
CA VAL B 43 5.30 6.50 31.84
C VAL B 43 6.28 5.46 31.32
N GLY B 44 5.93 4.85 30.19
CA GLY B 44 6.76 3.85 29.57
C GLY B 44 7.76 4.49 28.63
N ILE B 45 8.84 3.76 28.35
CA ILE B 45 9.89 4.22 27.45
C ILE B 45 9.71 3.57 26.09
N CYS B 46 9.48 4.40 25.08
CA CYS B 46 9.27 3.92 23.71
C CYS B 46 10.46 4.25 22.82
N GLY B 47 10.63 3.46 21.76
CA GLY B 47 11.72 3.69 20.81
C GLY B 47 11.70 5.07 20.17
N THR B 48 10.51 5.64 20.05
CA THR B 48 10.29 6.96 19.48
C THR B 48 10.96 8.04 20.33
N ASP B 49 10.90 7.89 21.65
CA ASP B 49 11.55 8.85 22.54
C ASP B 49 13.05 8.80 22.27
N ASP B 50 13.59 7.59 22.14
CA ASP B 50 15.02 7.42 21.88
C ASP B 50 15.40 7.96 20.50
N HIS B 51 14.47 7.95 19.55
CA HIS B 51 14.75 8.47 18.22
C HIS B 51 15.06 9.96 18.26
N VAL B 52 14.37 10.69 19.14
CA VAL B 52 14.59 12.13 19.30
C VAL B 52 15.97 12.37 19.91
N VAL B 53 16.33 11.58 20.91
CA VAL B 53 17.62 11.70 21.58
C VAL B 53 18.77 11.51 20.58
N SER B 54 18.63 10.52 19.71
CA SER B 54 19.65 10.20 18.71
C SER B 54 19.66 11.16 17.51
N GLY B 55 18.65 12.03 17.42
CA GLY B 55 18.56 12.96 16.32
C GLY B 55 17.97 12.29 15.09
N THR B 56 17.45 11.09 15.28
CA THR B 56 16.82 10.30 14.24
C THR B 56 15.48 10.93 13.84
N MET B 57 14.70 11.32 14.86
CA MET B 57 13.41 11.96 14.64
C MET B 57 13.60 13.41 15.07
N VAL B 58 13.45 14.33 14.14
CA VAL B 58 13.61 15.75 14.41
C VAL B 58 12.41 16.35 15.12
N THR B 59 12.71 17.14 16.15
CA THR B 59 11.73 17.87 16.94
C THR B 59 12.51 19.04 17.54
N PRO B 60 11.83 20.16 17.83
CA PRO B 60 12.54 21.31 18.40
C PRO B 60 13.08 21.09 19.82
N LEU B 61 14.34 21.47 20.03
CA LEU B 61 14.99 21.39 21.34
C LEU B 61 15.12 22.81 21.87
N PRO B 62 15.17 22.97 23.21
CA PRO B 62 15.13 21.90 24.21
C PRO B 62 13.70 21.37 24.31
N VAL B 63 13.55 20.13 24.74
CA VAL B 63 12.23 19.53 24.81
C VAL B 63 12.05 18.48 25.91
N ILE B 64 10.81 18.33 26.36
CA ILE B 64 10.47 17.34 27.37
C ILE B 64 9.74 16.22 26.62
N LEU B 65 10.38 15.07 26.50
CA LEU B 65 9.83 13.92 25.78
C LEU B 65 8.82 13.11 26.58
N GLY B 66 8.54 11.90 26.12
CA GLY B 66 7.57 11.05 26.80
C GLY B 66 6.20 11.24 26.18
N HIS B 67 5.50 10.13 25.97
CA HIS B 67 4.19 10.20 25.35
C HIS B 67 3.35 8.97 25.66
N GLU B 68 3.95 7.99 26.33
CA GLU B 68 3.28 6.74 26.68
C GLU B 68 3.03 6.80 28.18
N ALA B 69 2.02 7.55 28.60
CA ALA B 69 1.76 7.72 30.02
C ALA B 69 0.32 7.51 30.52
N ALA B 70 0.16 7.82 31.81
CA ALA B 70 -1.09 7.73 32.51
C ALA B 70 -0.90 8.50 33.79
N GLY B 71 -1.96 9.16 34.25
CA GLY B 71 -1.88 9.94 35.47
C GLY B 71 -3.26 10.33 35.99
N ILE B 72 -3.29 11.32 36.87
CA ILE B 72 -4.54 11.81 37.44
C ILE B 72 -4.67 13.29 37.10
N VAL B 73 -5.88 13.71 36.74
CA VAL B 73 -6.12 15.10 36.39
C VAL B 73 -6.01 15.97 37.63
N GLU B 74 -5.15 16.97 37.57
CA GLU B 74 -4.95 17.90 38.69
C GLU B 74 -5.98 19.04 38.56
N SER B 75 -5.96 19.74 37.44
CA SER B 75 -6.90 20.83 37.20
C SER B 75 -7.37 20.84 35.75
N VAL B 76 -8.52 21.42 35.57
CA VAL B 76 -9.16 21.52 34.31
C VAL B 76 -9.21 23.01 33.94
N GLY B 77 -8.98 23.36 32.66
CA GLY B 77 -9.02 24.75 32.26
C GLY B 77 -10.44 25.22 31.98
N GLU B 78 -10.57 26.43 31.45
CA GLU B 78 -11.87 27.02 31.14
C GLU B 78 -12.57 26.23 30.04
N GLY B 79 -13.81 25.82 30.30
CA GLY B 79 -14.59 25.10 29.31
C GLY B 79 -14.40 23.59 29.13
N VAL B 80 -13.44 22.97 29.81
CA VAL B 80 -13.24 21.54 29.68
C VAL B 80 -14.50 20.82 30.16
N THR B 81 -14.88 19.76 29.45
CA THR B 81 -16.09 19.00 29.76
C THR B 81 -15.96 17.47 29.78
N THR B 82 -14.87 16.94 29.22
CA THR B 82 -14.71 15.49 29.14
C THR B 82 -14.03 14.82 30.33
N VAL B 83 -13.23 15.61 31.06
CA VAL B 83 -12.51 15.09 32.23
C VAL B 83 -12.60 16.12 33.35
N LYS B 84 -12.36 15.67 34.59
CA LYS B 84 -12.40 16.58 35.73
C LYS B 84 -11.36 16.17 36.78
N PRO B 85 -10.93 17.12 37.63
CA PRO B 85 -9.94 16.85 38.68
C PRO B 85 -10.18 15.54 39.42
N GLY B 86 -9.15 14.71 39.47
CA GLY B 86 -9.26 13.44 40.14
C GLY B 86 -9.48 12.26 39.21
N ASP B 87 -9.86 12.51 37.96
CA ASP B 87 -10.09 11.43 36.99
C ASP B 87 -8.78 10.80 36.54
N LYS B 88 -8.85 9.51 36.21
CA LYS B 88 -7.70 8.79 35.70
C LYS B 88 -7.72 9.00 34.19
N VAL B 89 -6.57 9.39 33.65
CA VAL B 89 -6.46 9.65 32.22
C VAL B 89 -5.19 9.14 31.58
N ILE B 90 -5.26 9.04 30.26
CA ILE B 90 -4.15 8.65 29.42
C ILE B 90 -4.03 9.76 28.40
N PRO B 91 -2.91 10.50 28.42
CA PRO B 91 -2.75 11.58 27.44
C PRO B 91 -2.57 10.96 26.05
N LEU B 92 -3.11 11.60 25.03
CA LEU B 92 -3.04 11.06 23.67
C LEU B 92 -1.96 11.70 22.80
N ALA B 93 -0.98 10.89 22.41
CA ALA B 93 0.14 11.32 21.55
C ALA B 93 -0.30 11.83 20.19
N ILE B 94 -1.53 11.49 19.87
CA ILE B 94 -2.24 11.95 18.66
C ILE B 94 -3.60 12.32 19.18
N PRO B 95 -4.02 13.57 18.96
CA PRO B 95 -5.31 14.04 19.42
C PRO B 95 -6.47 13.59 18.58
N GLN B 96 -7.67 13.92 19.04
CA GLN B 96 -8.90 13.61 18.30
C GLN B 96 -9.79 14.85 18.45
N CYS B 97 -9.52 15.86 17.62
CA CYS B 97 -10.26 17.11 17.65
C CYS B 97 -11.76 16.92 17.39
N GLY B 98 -12.11 15.88 16.63
CA GLY B 98 -13.51 15.62 16.32
C GLY B 98 -14.12 16.43 15.20
N LYS B 99 -13.46 17.53 14.83
CA LYS B 99 -13.95 18.43 13.77
C LYS B 99 -13.25 18.33 12.41
N CYS B 100 -12.18 17.53 12.41
CA CYS B 100 -11.25 17.26 11.28
C CYS B 100 -11.96 16.52 10.11
N ARG B 101 -11.38 16.65 8.92
CA ARG B 101 -11.86 15.89 7.76
C ARG B 101 -11.51 14.41 8.11
N ILE B 102 -10.36 14.25 8.78
CA ILE B 102 -9.86 12.95 9.19
C ILE B 102 -10.62 12.38 10.39
N CYS B 103 -10.91 13.22 11.38
CA CYS B 103 -11.64 12.78 12.56
C CYS B 103 -13.07 12.38 12.16
N LYS B 104 -13.65 13.10 11.21
CA LYS B 104 -15.00 12.80 10.72
C LYS B 104 -14.96 11.53 9.86
N ASN B 105 -13.74 11.09 9.47
CA ASN B 105 -13.51 9.89 8.66
C ASN B 105 -13.41 8.72 9.57
N PRO B 106 -14.42 7.83 9.55
CA PRO B 106 -14.47 6.62 10.40
C PRO B 106 -13.33 5.64 10.15
N GLU B 107 -12.62 5.83 9.05
CA GLU B 107 -11.53 4.94 8.69
C GLU B 107 -10.14 5.44 9.08
N SER B 108 -9.98 6.72 9.38
CA SER B 108 -8.66 7.21 9.75
C SER B 108 -8.58 7.79 11.17
N ASN B 109 -7.35 8.04 11.64
CA ASN B 109 -7.13 8.54 12.99
C ASN B 109 -6.11 9.66 13.13
N TYR B 110 -5.34 9.89 12.08
CA TYR B 110 -4.31 10.91 12.09
C TYR B 110 -4.88 12.31 12.01
N CYS B 111 -5.45 12.74 13.13
CA CYS B 111 -6.08 14.07 13.28
C CYS B 111 -5.15 15.20 12.85
N LEU B 112 -5.72 16.22 12.21
CA LEU B 112 -4.94 17.37 11.74
C LEU B 112 -4.29 18.14 12.87
N LYS B 113 -4.80 17.98 14.09
CA LYS B 113 -4.28 18.70 15.24
C LYS B 113 -2.98 18.09 15.78
N ASN B 114 -2.51 17.02 15.14
CA ASN B 114 -1.29 16.35 15.55
C ASN B 114 -0.07 17.26 15.43
N ASP B 115 0.99 16.92 16.15
CA ASP B 115 2.22 17.70 16.10
C ASP B 115 3.32 16.80 15.56
N VAL B 116 2.93 15.80 14.77
CA VAL B 116 3.87 14.86 14.19
C VAL B 116 4.33 15.28 12.79
N SER B 117 3.39 15.64 11.91
CA SER B 117 3.74 16.04 10.55
C SER B 117 4.73 17.19 10.43
N ASN B 118 4.42 18.31 11.09
CA ASN B 118 5.30 19.48 11.06
C ASN B 118 5.46 19.92 12.51
N PRO B 119 6.29 19.18 13.27
CA PRO B 119 6.58 19.43 14.70
C PRO B 119 6.94 20.85 15.11
N GLN B 120 6.04 21.47 15.86
CA GLN B 120 6.23 22.82 16.37
C GLN B 120 6.76 22.78 17.80
N GLY B 121 6.35 21.76 18.55
CA GLY B 121 6.78 21.60 19.93
C GLY B 121 6.02 22.49 20.89
N THR B 122 4.72 22.63 20.63
CA THR B 122 3.86 23.48 21.45
C THR B 122 2.52 22.79 21.64
N LEU B 123 1.58 23.50 22.23
CA LEU B 123 0.23 22.98 22.38
C LEU B 123 -0.49 23.49 21.12
N GLN B 124 -1.69 22.99 20.87
CA GLN B 124 -2.43 23.38 19.69
C GLN B 124 -2.63 24.87 19.45
N ASP B 125 -2.46 25.69 20.48
CA ASP B 125 -2.61 27.14 20.34
C ASP B 125 -1.29 27.83 19.98
N GLY B 126 -0.26 27.04 19.67
CA GLY B 126 1.02 27.62 19.30
C GLY B 126 1.95 28.09 20.41
N THR B 127 1.66 27.75 21.66
CA THR B 127 2.51 28.16 22.79
C THR B 127 2.89 27.03 23.75
N SER B 128 3.89 27.32 24.57
CA SER B 128 4.39 26.37 25.55
C SER B 128 3.93 26.71 26.96
N ARG B 129 3.95 25.71 27.85
CA ARG B 129 3.55 25.91 29.24
C ARG B 129 4.73 25.57 30.14
N PHE B 130 5.84 25.21 29.52
CA PHE B 130 7.07 24.81 30.24
C PHE B 130 8.17 25.86 30.25
N THR B 131 8.84 25.97 31.40
CA THR B 131 9.92 26.91 31.59
C THR B 131 10.98 26.31 32.54
N CYS B 132 12.24 26.32 32.13
CA CYS B 132 13.29 25.81 32.99
C CYS B 132 14.33 26.89 33.02
N ARG B 133 14.35 27.60 34.15
CA ARG B 133 15.29 28.70 34.39
C ARG B 133 15.19 29.77 33.28
N ARG B 134 14.07 30.49 33.24
CA ARG B 134 13.77 31.62 32.31
C ARG B 134 13.80 31.33 30.79
N LYS B 135 13.94 30.06 30.42
CA LYS B 135 13.94 29.67 28.99
C LYS B 135 12.81 28.68 28.77
N PRO B 136 11.97 28.95 27.78
CA PRO B 136 10.83 28.08 27.47
C PRO B 136 11.28 26.69 26.97
N ILE B 137 10.52 25.66 27.32
CA ILE B 137 10.87 24.31 26.89
C ILE B 137 9.76 23.82 25.97
N HIS B 138 10.16 23.21 24.85
CA HIS B 138 9.21 22.68 23.88
C HIS B 138 8.48 21.45 24.37
N HIS B 139 7.28 21.24 23.84
CA HIS B 139 6.45 20.09 24.16
C HIS B 139 6.80 19.00 23.13
N PHE B 140 6.35 17.79 23.37
CA PHE B 140 6.60 16.67 22.46
C PHE B 140 5.29 15.95 22.22
N LEU B 141 4.89 15.89 20.94
CA LEU B 141 3.65 15.24 20.52
C LEU B 141 2.44 15.80 21.26
N GLY B 142 2.60 17.03 21.73
CA GLY B 142 1.55 17.73 22.45
C GLY B 142 1.30 17.23 23.87
N ILE B 143 2.06 16.26 24.34
CA ILE B 143 1.81 15.74 25.69
C ILE B 143 2.94 15.72 26.72
N SER B 144 4.19 15.77 26.26
CA SER B 144 5.39 15.78 27.12
C SER B 144 5.21 15.09 28.48
N THR B 145 5.18 13.76 28.48
CA THR B 145 4.95 13.06 29.74
C THR B 145 6.12 12.74 30.66
N PHE B 146 7.34 13.11 30.28
CA PHE B 146 8.50 12.88 31.15
C PHE B 146 8.57 14.04 32.14
N SER B 147 7.48 14.26 32.84
CA SER B 147 7.36 15.35 33.81
C SER B 147 6.29 14.99 34.84
N GLN B 148 6.49 15.47 36.07
CA GLN B 148 5.54 15.21 37.17
C GLN B 148 4.19 15.86 36.94
N TYR B 149 4.18 16.86 36.07
CA TYR B 149 2.98 17.59 35.71
C TYR B 149 3.12 18.07 34.27
N THR B 150 2.04 17.96 33.51
CA THR B 150 2.06 18.38 32.13
C THR B 150 0.70 18.92 31.75
N VAL B 151 0.71 19.92 30.87
CA VAL B 151 -0.54 20.50 30.40
C VAL B 151 -0.72 20.10 28.94
N VAL B 152 -1.83 19.41 28.66
CA VAL B 152 -2.13 18.98 27.30
C VAL B 152 -3.48 19.57 26.88
N ASP B 153 -3.80 19.47 25.59
CA ASP B 153 -5.06 19.98 25.08
C ASP B 153 -6.15 18.99 25.48
N GLU B 154 -7.38 19.48 25.62
CA GLU B 154 -8.50 18.62 26.02
C GLU B 154 -8.75 17.48 25.05
N ASN B 155 -8.63 17.75 23.76
CA ASN B 155 -8.83 16.72 22.74
C ASN B 155 -7.63 15.75 22.69
N ALA B 156 -6.62 16.02 23.52
CA ALA B 156 -5.42 15.19 23.62
C ALA B 156 -5.33 14.40 24.92
N VAL B 157 -6.49 14.09 25.52
CA VAL B 157 -6.52 13.32 26.77
C VAL B 157 -7.83 12.56 26.88
N ALA B 158 -7.76 11.32 27.32
CA ALA B 158 -8.95 10.51 27.47
C ALA B 158 -9.13 10.00 28.88
N LYS B 159 -10.33 10.18 29.40
CA LYS B 159 -10.72 9.75 30.73
C LYS B 159 -10.90 8.24 30.69
N ILE B 160 -10.23 7.54 31.61
CA ILE B 160 -10.30 6.08 31.65
C ILE B 160 -10.92 5.51 32.96
N ASP B 161 -11.09 4.18 33.00
CA ASP B 161 -11.66 3.50 34.17
C ASP B 161 -10.88 3.86 35.43
N ALA B 162 -11.57 4.40 36.43
CA ALA B 162 -10.94 4.83 37.69
C ALA B 162 -10.30 3.70 38.49
N ALA B 163 -10.64 2.46 38.17
CA ALA B 163 -10.05 1.32 38.85
C ALA B 163 -8.91 0.77 37.99
N SER B 164 -8.28 1.64 37.21
CA SER B 164 -7.19 1.24 36.31
C SER B 164 -5.81 1.20 36.92
N PRO B 165 -5.07 0.11 36.66
CA PRO B 165 -3.71 -0.01 37.20
C PRO B 165 -2.83 0.85 36.29
N LEU B 166 -2.76 2.15 36.60
CA LEU B 166 -2.01 3.10 35.81
C LEU B 166 -0.59 2.69 35.43
N GLU B 167 0.05 1.87 36.27
CA GLU B 167 1.40 1.40 35.99
C GLU B 167 1.45 0.37 34.86
N LYS B 168 0.27 -0.10 34.47
CA LYS B 168 0.15 -1.10 33.42
C LYS B 168 -0.55 -0.52 32.19
N VAL B 169 -1.66 0.17 32.43
CA VAL B 169 -2.46 0.75 31.37
C VAL B 169 -1.75 1.82 30.53
N CYS B 170 -0.67 2.39 31.06
CA CYS B 170 0.08 3.40 30.33
C CYS B 170 0.54 2.93 28.94
N LEU B 171 0.81 1.63 28.79
CA LEU B 171 1.25 1.09 27.51
C LEU B 171 0.19 1.19 26.44
N ILE B 172 -1.06 1.42 26.85
CA ILE B 172 -2.16 1.56 25.91
C ILE B 172 -2.08 2.91 25.21
N GLY B 173 -1.32 3.82 25.79
CA GLY B 173 -1.17 5.15 25.21
C GLY B 173 -0.29 5.21 23.96
N CYS B 174 0.41 4.12 23.67
CA CYS B 174 1.27 4.05 22.48
C CYS B 174 1.63 2.63 22.09
N GLY B 175 2.58 2.08 22.84
CA GLY B 175 3.10 0.75 22.58
C GLY B 175 2.14 -0.36 22.20
N PHE B 176 1.29 -0.77 23.13
CA PHE B 176 0.35 -1.83 22.86
C PHE B 176 -0.66 -1.53 21.76
N SER B 177 -1.29 -0.36 21.83
CA SER B 177 -2.28 0.02 20.82
C SER B 177 -1.69 0.06 19.42
N THR B 178 -0.47 0.60 19.30
CA THR B 178 0.18 0.68 18.00
C THR B 178 0.44 -0.71 17.44
N GLY B 179 1.02 -1.57 18.27
CA GLY B 179 1.35 -2.92 17.85
C GLY B 179 0.14 -3.75 17.50
N TYR B 180 -0.77 -3.85 18.48
CA TYR B 180 -2.01 -4.59 18.36
C TYR B 180 -2.87 -4.14 17.19
N GLY B 181 -3.09 -2.83 17.10
CA GLY B 181 -3.91 -2.27 16.05
C GLY B 181 -3.36 -2.40 14.64
N SER B 182 -2.03 -2.41 14.52
CA SER B 182 -1.40 -2.54 13.21
C SER B 182 -1.80 -3.85 12.57
N ALA B 183 -1.88 -4.90 13.40
CA ALA B 183 -2.26 -6.23 12.97
C ALA B 183 -3.77 -6.35 12.78
N VAL B 184 -4.52 -5.93 13.79
CA VAL B 184 -5.97 -5.97 13.79
C VAL B 184 -6.67 -4.99 12.84
N ASN B 185 -6.47 -3.69 13.05
CA ASN B 185 -7.09 -2.64 12.22
C ASN B 185 -6.48 -2.36 10.86
N VAL B 186 -5.19 -2.02 10.84
CA VAL B 186 -4.47 -1.68 9.62
C VAL B 186 -4.36 -2.83 8.62
N ALA B 187 -3.59 -3.85 9.00
CA ALA B 187 -3.39 -5.01 8.13
C ALA B 187 -4.67 -5.85 7.97
N LYS B 188 -5.44 -5.98 9.04
CA LYS B 188 -6.68 -6.79 9.03
C LYS B 188 -6.31 -8.24 8.79
N VAL B 189 -5.40 -8.73 9.65
CA VAL B 189 -4.91 -10.10 9.60
C VAL B 189 -6.06 -11.11 9.61
N THR B 190 -6.08 -12.00 8.63
CA THR B 190 -7.11 -13.01 8.49
C THR B 190 -6.77 -14.35 9.15
N PRO B 191 -7.78 -15.05 9.70
CA PRO B 191 -7.51 -16.33 10.34
C PRO B 191 -6.89 -17.30 9.35
N GLY B 192 -5.88 -18.04 9.81
CA GLY B 192 -5.21 -19.02 8.96
C GLY B 192 -4.11 -18.46 8.07
N SER B 193 -3.82 -17.18 8.22
CA SER B 193 -2.80 -16.54 7.42
C SER B 193 -1.40 -16.68 8.04
N THR B 194 -0.39 -16.28 7.29
CA THR B 194 0.99 -16.33 7.75
C THR B 194 1.53 -14.90 7.87
N CYS B 195 2.06 -14.58 9.05
CA CYS B 195 2.59 -13.24 9.31
C CYS B 195 4.09 -13.26 9.60
N ALA B 196 4.70 -12.09 9.41
CA ALA B 196 6.13 -11.88 9.67
C ALA B 196 6.24 -10.56 10.41
N VAL B 197 6.91 -10.59 11.56
CA VAL B 197 7.08 -9.38 12.34
C VAL B 197 8.55 -9.08 12.58
N PHE B 198 9.02 -7.97 12.02
CA PHE B 198 10.41 -7.56 12.20
C PHE B 198 10.41 -6.64 13.43
N GLY B 199 11.28 -6.92 14.41
CA GLY B 199 11.35 -6.09 15.60
C GLY B 199 10.54 -6.66 16.74
N LEU B 200 11.22 -6.97 17.84
CA LEU B 200 10.56 -7.54 18.99
C LEU B 200 10.68 -6.70 20.26
N GLY B 201 10.41 -5.41 20.13
CA GLY B 201 10.41 -4.53 21.27
C GLY B 201 8.97 -4.58 21.75
N GLY B 202 8.56 -3.62 22.57
CA GLY B 202 7.19 -3.61 23.07
C GLY B 202 6.16 -3.47 21.98
N VAL B 203 6.47 -2.69 20.94
CA VAL B 203 5.52 -2.50 19.86
C VAL B 203 5.43 -3.74 18.98
N GLY B 204 6.60 -4.31 18.67
CA GLY B 204 6.65 -5.49 17.83
C GLY B 204 5.99 -6.68 18.48
N LEU B 205 6.21 -6.84 19.78
CA LEU B 205 5.60 -7.94 20.53
C LEU B 205 4.09 -7.80 20.62
N SER B 206 3.61 -6.57 20.64
CA SER B 206 2.18 -6.33 20.69
C SER B 206 1.57 -6.65 19.34
N ALA B 207 2.40 -6.61 18.29
CA ALA B 207 1.94 -6.92 16.93
C ALA B 207 1.75 -8.42 16.79
N ILE B 208 2.61 -9.18 17.46
CA ILE B 208 2.51 -10.64 17.47
C ILE B 208 1.22 -10.99 18.21
N MET B 209 0.91 -10.21 19.25
CA MET B 209 -0.31 -10.40 20.03
C MET B 209 -1.52 -10.22 19.12
N GLY B 210 -1.49 -9.13 18.35
CA GLY B 210 -2.58 -8.84 17.44
C GLY B 210 -2.71 -9.90 16.37
N CYS B 211 -1.58 -10.43 15.91
CA CYS B 211 -1.60 -11.48 14.89
C CYS B 211 -2.23 -12.77 15.41
N LYS B 212 -1.93 -13.13 16.66
CA LYS B 212 -2.47 -14.35 17.25
C LYS B 212 -3.98 -14.18 17.44
N ALA B 213 -4.36 -13.05 18.01
CA ALA B 213 -5.77 -12.73 18.26
C ALA B 213 -6.57 -12.68 16.96
N ALA B 214 -5.90 -12.45 15.85
CA ALA B 214 -6.57 -12.40 14.55
C ALA B 214 -6.68 -13.80 13.93
N GLY B 215 -6.14 -14.81 14.63
CA GLY B 215 -6.21 -16.18 14.15
C GLY B 215 -5.14 -16.62 13.16
N ALA B 216 -4.00 -15.94 13.14
CA ALA B 216 -2.94 -16.28 12.19
C ALA B 216 -2.44 -17.71 12.43
N ALA B 217 -2.25 -18.46 11.34
CA ALA B 217 -1.76 -19.83 11.43
C ALA B 217 -0.29 -19.82 11.84
N ARG B 218 0.51 -19.01 11.15
CA ARG B 218 1.93 -18.88 11.42
C ARG B 218 2.27 -17.42 11.74
N ILE B 219 3.21 -17.24 12.66
CA ILE B 219 3.66 -15.91 13.07
C ILE B 219 5.17 -16.01 13.24
N ILE B 220 5.91 -15.61 12.20
CA ILE B 220 7.36 -15.67 12.26
C ILE B 220 7.95 -14.36 12.80
N ALA B 221 8.57 -14.48 13.98
CA ALA B 221 9.20 -13.34 14.65
C ALA B 221 10.61 -13.21 14.09
N VAL B 222 11.05 -11.98 13.86
CA VAL B 222 12.39 -11.70 13.32
C VAL B 222 13.10 -10.64 14.16
N ASP B 223 14.33 -10.94 14.57
CA ASP B 223 15.09 -10.01 15.38
C ASP B 223 16.54 -10.45 15.47
N ILE B 224 17.45 -9.47 15.48
CA ILE B 224 18.87 -9.78 15.60
C ILE B 224 19.25 -10.07 17.05
N ASN B 225 18.31 -9.85 17.98
CA ASN B 225 18.53 -10.13 19.39
C ASN B 225 17.71 -11.34 19.81
N LYS B 226 18.39 -12.47 19.92
CA LYS B 226 17.80 -13.76 20.30
C LYS B 226 17.18 -13.82 21.70
N ASP B 227 17.62 -12.93 22.58
CA ASP B 227 17.10 -12.87 23.95
C ASP B 227 15.60 -12.54 23.99
N LYS B 228 15.10 -11.98 22.89
CA LYS B 228 13.70 -11.59 22.76
C LYS B 228 12.81 -12.74 22.30
N PHE B 229 13.43 -13.78 21.77
CA PHE B 229 12.71 -14.94 21.24
C PHE B 229 11.73 -15.63 22.20
N ALA B 230 12.11 -15.81 23.46
CA ALA B 230 11.23 -16.46 24.45
C ALA B 230 9.94 -15.67 24.59
N LYS B 231 10.07 -14.37 24.80
CA LYS B 231 8.91 -13.51 24.95
C LYS B 231 8.06 -13.57 23.69
N ALA B 232 8.71 -13.68 22.54
CA ALA B 232 8.03 -13.75 21.24
C ALA B 232 7.11 -14.97 21.19
N LYS B 233 7.70 -16.15 21.41
CA LYS B 233 6.97 -17.40 21.37
C LYS B 233 5.85 -17.43 22.40
N GLU B 234 6.13 -16.83 23.56
CA GLU B 234 5.16 -16.76 24.66
C GLU B 234 3.90 -16.04 24.21
N LEU B 235 4.11 -14.93 23.49
CA LEU B 235 3.02 -14.11 22.99
C LEU B 235 2.36 -14.57 21.70
N GLY B 236 2.89 -15.63 21.10
CA GLY B 236 2.28 -16.14 19.89
C GLY B 236 3.14 -16.54 18.71
N ALA B 237 4.42 -16.18 18.72
CA ALA B 237 5.28 -16.51 17.60
C ALA B 237 5.38 -18.02 17.38
N THR B 238 5.10 -18.49 16.17
CA THR B 238 5.19 -19.93 15.86
C THR B 238 6.65 -20.31 15.67
N GLU B 239 7.45 -19.35 15.24
CA GLU B 239 8.88 -19.55 15.03
C GLU B 239 9.63 -18.23 15.11
N CYS B 240 10.90 -18.28 15.50
CA CYS B 240 11.75 -17.09 15.61
C CYS B 240 13.01 -17.31 14.81
N ILE B 241 13.43 -16.29 14.07
CA ILE B 241 14.66 -16.40 13.30
C ILE B 241 15.50 -15.15 13.42
N ASN B 242 16.81 -15.34 13.36
CA ASN B 242 17.76 -14.26 13.44
C ASN B 242 18.48 -14.12 12.10
N PRO B 243 18.35 -12.95 11.45
CA PRO B 243 18.99 -12.69 10.14
C PRO B 243 20.47 -13.00 10.11
N GLN B 244 21.16 -12.73 11.23
CA GLN B 244 22.59 -12.97 11.36
C GLN B 244 23.00 -14.41 11.15
N ASP B 245 22.05 -15.34 11.31
CA ASP B 245 22.31 -16.77 11.14
C ASP B 245 22.30 -17.30 9.72
N TYR B 246 21.82 -16.49 8.78
CA TYR B 246 21.73 -16.94 7.39
C TYR B 246 22.70 -16.24 6.44
N LYS B 247 23.10 -16.96 5.40
CA LYS B 247 24.00 -16.42 4.41
C LYS B 247 23.24 -15.55 3.42
N LYS B 248 21.97 -15.88 3.18
CA LYS B 248 21.15 -15.13 2.25
C LYS B 248 20.25 -14.12 2.94
N PRO B 249 19.79 -13.10 2.20
CA PRO B 249 18.91 -12.03 2.69
C PRO B 249 17.68 -12.62 3.38
N ILE B 250 17.30 -12.00 4.49
CA ILE B 250 16.14 -12.45 5.27
C ILE B 250 14.87 -12.57 4.44
N GLN B 251 14.66 -11.68 3.47
CA GLN B 251 13.46 -11.79 2.65
C GLN B 251 13.42 -13.11 1.88
N GLU B 252 14.56 -13.54 1.37
CA GLU B 252 14.63 -14.79 0.63
C GLU B 252 14.43 -15.94 1.60
N VAL B 253 15.04 -15.85 2.77
CA VAL B 253 14.90 -16.88 3.79
C VAL B 253 13.42 -17.07 4.09
N LEU B 254 12.74 -15.97 4.36
CA LEU B 254 11.31 -15.97 4.66
C LEU B 254 10.44 -16.52 3.55
N LYS B 255 10.74 -16.13 2.30
CA LYS B 255 9.97 -16.60 1.16
C LYS B 255 10.12 -18.11 0.98
N GLU B 256 11.33 -18.62 1.19
CA GLU B 256 11.60 -20.06 1.08
C GLU B 256 10.77 -20.82 2.10
N MET B 257 10.61 -20.21 3.27
CA MET B 257 9.88 -20.79 4.39
C MET B 257 8.36 -20.76 4.23
N THR B 258 7.86 -19.85 3.39
CA THR B 258 6.43 -19.70 3.24
C THR B 258 5.83 -19.80 1.84
N ASP B 259 6.38 -20.67 1.01
CA ASP B 259 5.86 -20.88 -0.35
C ASP B 259 5.71 -19.60 -1.19
N GLY B 260 6.74 -18.77 -1.19
CA GLY B 260 6.71 -17.54 -1.97
C GLY B 260 6.61 -16.24 -1.21
N GLY B 261 6.16 -16.30 0.04
CA GLY B 261 6.04 -15.10 0.83
C GLY B 261 4.87 -15.12 1.79
N VAL B 262 4.96 -14.35 2.87
CA VAL B 262 3.91 -14.29 3.87
C VAL B 262 2.73 -13.42 3.41
N ASP B 263 1.57 -13.63 4.01
CA ASP B 263 0.38 -12.85 3.67
C ASP B 263 0.48 -11.43 4.20
N PHE B 264 0.97 -11.29 5.43
CA PHE B 264 1.11 -10.00 6.08
C PHE B 264 2.48 -9.79 6.73
N SER B 265 3.18 -8.74 6.33
CA SER B 265 4.47 -8.46 6.96
C SER B 265 4.36 -7.16 7.72
N PHE B 266 5.15 -7.03 8.77
CA PHE B 266 5.17 -5.83 9.60
C PHE B 266 6.61 -5.45 9.89
N GLU B 267 6.90 -4.16 9.84
CA GLU B 267 8.23 -3.70 10.19
C GLU B 267 8.05 -2.84 11.41
N VAL B 268 8.57 -3.29 12.54
CA VAL B 268 8.47 -2.59 13.81
C VAL B 268 9.86 -2.33 14.39
N ILE B 269 10.71 -1.70 13.59
CA ILE B 269 12.07 -1.36 14.01
C ILE B 269 12.34 0.11 13.71
N GLY B 270 12.31 0.44 12.42
CA GLY B 270 12.56 1.81 12.02
C GLY B 270 13.86 1.93 11.23
N ARG B 271 14.03 1.04 10.26
CA ARG B 271 15.21 1.05 9.41
C ARG B 271 14.77 0.85 7.98
N LEU B 272 15.51 1.44 7.04
CA LEU B 272 15.17 1.31 5.63
C LEU B 272 15.35 -0.10 5.10
N ASP B 273 16.48 -0.73 5.44
CA ASP B 273 16.74 -2.08 4.96
C ASP B 273 15.70 -3.11 5.42
N THR B 274 15.27 -3.00 6.67
CA THR B 274 14.27 -3.93 7.18
C THR B 274 12.89 -3.62 6.62
N MET B 275 12.64 -2.34 6.33
CA MET B 275 11.36 -1.95 5.74
C MET B 275 11.25 -2.56 4.35
N MET B 276 12.35 -2.52 3.60
CA MET B 276 12.40 -3.09 2.26
C MET B 276 12.24 -4.61 2.33
N ALA B 277 13.06 -5.24 3.17
CA ALA B 277 13.01 -6.70 3.34
C ALA B 277 11.62 -7.15 3.74
N SER B 278 10.94 -6.34 4.56
CA SER B 278 9.60 -6.66 5.00
C SER B 278 8.63 -6.65 3.82
N LEU B 279 8.73 -5.62 2.98
CA LEU B 279 7.89 -5.53 1.78
C LEU B 279 8.19 -6.70 0.85
N LEU B 280 9.48 -7.02 0.68
CA LEU B 280 9.91 -8.10 -0.19
C LEU B 280 9.60 -9.49 0.32
N CYS B 281 9.30 -9.62 1.62
CA CYS B 281 9.01 -10.93 2.17
C CYS B 281 7.55 -11.39 2.08
N CYS B 282 6.63 -10.47 1.79
CA CYS B 282 5.22 -10.85 1.65
C CYS B 282 5.04 -11.34 0.22
N HIS B 283 4.05 -12.20 -0.03
CA HIS B 283 3.86 -12.71 -1.40
C HIS B 283 3.54 -11.61 -2.41
N GLU B 284 4.28 -11.59 -3.52
CA GLU B 284 4.11 -10.57 -4.57
C GLU B 284 2.71 -10.46 -5.19
N ALA B 285 1.90 -11.50 -5.05
CA ALA B 285 0.55 -11.49 -5.61
C ALA B 285 -0.58 -11.23 -4.61
N CYS B 286 -0.31 -11.38 -3.33
CA CYS B 286 -1.35 -11.19 -2.32
C CYS B 286 -0.86 -10.67 -0.98
N GLY B 287 0.41 -10.31 -0.89
CA GLY B 287 0.95 -9.82 0.36
C GLY B 287 0.59 -8.39 0.72
N THR B 288 0.47 -8.15 2.02
CA THR B 288 0.19 -6.82 2.54
C THR B 288 1.33 -6.60 3.53
N SER B 289 1.99 -5.44 3.44
CA SER B 289 3.10 -5.13 4.32
C SER B 289 2.80 -3.80 4.97
N VAL B 290 2.84 -3.78 6.30
CA VAL B 290 2.56 -2.58 7.09
C VAL B 290 3.80 -1.99 7.71
N ILE B 291 3.93 -0.67 7.59
CA ILE B 291 5.06 0.02 8.18
C ILE B 291 4.65 0.54 9.55
N VAL B 292 5.34 0.10 10.59
CA VAL B 292 5.02 0.55 11.93
C VAL B 292 6.18 1.39 12.47
N GLY B 293 7.38 0.92 12.22
CA GLY B 293 8.57 1.62 12.68
C GLY B 293 8.76 2.98 12.05
N VAL B 294 9.34 3.88 12.84
CA VAL B 294 9.61 5.22 12.38
C VAL B 294 11.02 5.22 11.85
N PRO B 295 11.19 5.57 10.56
CA PRO B 295 12.51 5.60 9.94
C PRO B 295 13.28 6.90 10.22
N PRO B 296 14.60 6.88 10.07
CA PRO B 296 15.42 8.07 10.31
C PRO B 296 15.10 9.22 9.35
N ASP B 297 15.02 10.41 9.92
CA ASP B 297 14.69 11.63 9.18
C ASP B 297 15.53 11.85 7.92
N SER B 298 14.83 12.25 6.85
CA SER B 298 15.42 12.57 5.56
C SER B 298 16.24 11.46 4.88
N GLN B 299 15.82 10.22 5.09
CA GLN B 299 16.47 9.06 4.46
C GLN B 299 15.42 8.44 3.57
N ASN B 300 15.75 8.26 2.29
CA ASN B 300 14.80 7.70 1.34
C ASN B 300 15.11 6.29 0.91
N LEU B 301 14.05 5.54 0.58
CA LEU B 301 14.20 4.17 0.09
C LEU B 301 14.40 4.23 -1.43
N SER B 302 14.90 3.14 -1.98
CA SER B 302 15.10 3.03 -3.41
C SER B 302 14.24 1.83 -3.78
N MET B 303 12.99 2.09 -4.19
CA MET B 303 12.05 1.03 -4.53
C MET B 303 11.63 0.89 -5.99
N ASN B 304 11.39 -0.36 -6.37
CA ASN B 304 10.92 -0.72 -7.70
C ASN B 304 9.40 -0.78 -7.63
N PRO B 305 8.71 0.02 -8.45
CA PRO B 305 7.24 0.03 -8.45
C PRO B 305 6.62 -1.31 -8.79
N MET B 306 7.36 -2.15 -9.51
CA MET B 306 6.88 -3.46 -9.88
C MET B 306 6.51 -4.32 -8.67
N LEU B 307 7.22 -4.10 -7.56
CA LEU B 307 6.96 -4.85 -6.33
C LEU B 307 5.50 -4.70 -5.89
N LEU B 308 4.85 -3.61 -6.29
CA LEU B 308 3.46 -3.39 -5.93
C LEU B 308 2.52 -3.82 -7.10
N LEU B 309 2.94 -3.49 -8.32
CA LEU B 309 2.17 -3.78 -9.52
C LEU B 309 1.69 -5.24 -9.62
N THR B 310 2.47 -6.18 -9.08
CA THR B 310 2.10 -7.59 -9.15
C THR B 310 0.92 -7.96 -8.25
N GLY B 311 0.63 -7.13 -7.26
CA GLY B 311 -0.50 -7.40 -6.40
C GLY B 311 -0.30 -7.10 -4.92
N ARG B 312 0.81 -6.44 -4.59
CA ARG B 312 1.09 -6.11 -3.20
C ARG B 312 0.44 -4.84 -2.68
N THR B 313 0.23 -4.81 -1.37
CA THR B 313 -0.36 -3.67 -0.71
C THR B 313 0.64 -3.22 0.34
N TRP B 314 0.96 -1.93 0.30
CA TRP B 314 1.93 -1.37 1.24
C TRP B 314 1.22 -0.23 1.98
N LYS B 315 1.13 -0.37 3.30
CA LYS B 315 0.48 0.66 4.10
C LYS B 315 1.22 1.00 5.37
N GLY B 316 0.81 2.09 6.00
CA GLY B 316 1.42 2.57 7.23
C GLY B 316 0.36 3.16 8.12
N ALA B 317 0.67 3.30 9.39
CA ALA B 317 -0.29 3.85 10.31
C ALA B 317 0.36 4.36 11.59
N ILE B 318 -0.39 5.21 12.28
CA ILE B 318 0.03 5.83 13.52
C ILE B 318 -0.94 5.28 14.57
N LEU B 319 -0.42 4.97 15.75
CA LEU B 319 -1.20 4.45 16.87
C LEU B 319 -2.13 3.30 16.50
N GLY B 320 -1.66 2.42 15.61
CA GLY B 320 -2.47 1.28 15.19
C GLY B 320 -3.77 1.59 14.46
N GLY B 321 -3.88 2.81 13.97
CA GLY B 321 -5.09 3.21 13.27
C GLY B 321 -6.25 3.55 14.20
N PHE B 322 -6.00 3.48 15.49
CA PHE B 322 -6.99 3.78 16.52
C PHE B 322 -7.28 5.26 16.72
N LYS B 323 -8.56 5.63 16.71
CA LYS B 323 -8.92 7.01 17.00
C LYS B 323 -8.64 7.07 18.51
N SER B 324 -7.65 7.88 18.88
CA SER B 324 -7.18 8.02 20.26
C SER B 324 -8.15 8.19 21.42
N LYS B 325 -8.78 9.35 21.51
CA LYS B 325 -9.71 9.68 22.61
C LYS B 325 -10.87 8.71 22.76
N GLU B 326 -11.32 8.19 21.64
CA GLU B 326 -12.44 7.28 21.58
C GLU B 326 -12.09 5.82 21.83
N CYS B 327 -10.98 5.36 21.26
CA CYS B 327 -10.57 3.97 21.45
C CYS B 327 -9.73 3.64 22.68
N VAL B 328 -8.89 4.58 23.12
CA VAL B 328 -8.05 4.32 24.28
C VAL B 328 -8.82 3.86 25.52
N PRO B 329 -9.93 4.55 25.85
CA PRO B 329 -10.70 4.13 27.02
C PRO B 329 -11.33 2.77 26.80
N LYS B 330 -11.59 2.48 25.53
CA LYS B 330 -12.20 1.21 25.14
C LYS B 330 -11.19 0.10 25.28
N LEU B 331 -9.93 0.38 24.97
CA LEU B 331 -8.88 -0.63 25.11
C LEU B 331 -8.65 -0.90 26.57
N VAL B 332 -8.73 0.15 27.39
CA VAL B 332 -8.56 -0.01 28.83
C VAL B 332 -9.70 -0.85 29.38
N ALA B 333 -10.90 -0.63 28.84
CA ALA B 333 -12.09 -1.39 29.27
C ALA B 333 -11.96 -2.85 28.89
N ASP B 334 -11.20 -3.11 27.83
CA ASP B 334 -10.98 -4.48 27.39
C ASP B 334 -9.90 -5.15 28.25
N PHE B 335 -8.96 -4.34 28.75
CA PHE B 335 -7.88 -4.81 29.60
C PHE B 335 -8.51 -5.25 30.92
N MET B 336 -9.37 -4.40 31.46
CA MET B 336 -10.06 -4.66 32.72
C MET B 336 -10.97 -5.89 32.63
N ALA B 337 -11.36 -6.25 31.41
CA ALA B 337 -12.21 -7.42 31.19
C ALA B 337 -11.34 -8.65 30.84
N LYS B 338 -10.05 -8.54 31.15
CA LYS B 338 -9.07 -9.61 30.89
C LYS B 338 -8.97 -10.05 29.43
N LYS B 339 -9.22 -9.14 28.50
CA LYS B 339 -9.14 -9.45 27.07
C LYS B 339 -7.70 -9.75 26.66
N PHE B 340 -6.77 -9.01 27.27
CA PHE B 340 -5.35 -9.17 27.00
C PHE B 340 -4.55 -8.74 28.22
N SER B 341 -3.33 -9.25 28.32
CA SER B 341 -2.45 -8.92 29.45
C SER B 341 -1.30 -8.08 28.93
N LEU B 342 -0.80 -7.20 29.79
CA LEU B 342 0.31 -6.31 29.42
C LEU B 342 1.58 -6.62 30.18
N ASP B 343 1.49 -7.57 31.11
CA ASP B 343 2.60 -7.98 31.95
C ASP B 343 3.87 -8.40 31.22
N ALA B 344 3.74 -9.29 30.23
CA ALA B 344 4.89 -9.77 29.48
C ALA B 344 5.70 -8.64 28.84
N LEU B 345 5.02 -7.54 28.50
CA LEU B 345 5.70 -6.40 27.89
C LEU B 345 6.55 -5.64 28.91
N ILE B 346 6.08 -5.61 30.17
CA ILE B 346 6.79 -4.92 31.24
C ILE B 346 7.87 -5.80 31.83
N THR B 347 9.13 -5.44 31.62
CA THR B 347 10.23 -6.24 32.16
C THR B 347 11.01 -5.51 33.25
N HIS B 348 10.93 -4.19 33.26
CA HIS B 348 11.65 -3.38 34.25
C HIS B 348 10.79 -2.22 34.76
N VAL B 349 11.02 -1.83 36.02
CA VAL B 349 10.31 -0.73 36.65
C VAL B 349 11.30 0.05 37.49
N LEU B 350 11.43 1.34 37.23
CA LEU B 350 12.37 2.19 37.96
C LEU B 350 11.64 3.49 38.30
N PRO B 351 12.22 4.31 39.19
CA PRO B 351 11.59 5.58 39.56
C PRO B 351 11.93 6.58 38.44
N PHE B 352 11.04 7.54 38.22
CA PHE B 352 11.25 8.54 37.18
C PHE B 352 12.67 9.10 37.15
N GLU B 353 13.25 9.30 38.33
CA GLU B 353 14.62 9.82 38.44
C GLU B 353 15.67 8.99 37.71
N LYS B 354 15.43 7.69 37.59
CA LYS B 354 16.38 6.80 36.90
C LYS B 354 16.12 6.65 35.40
N ILE B 355 15.52 7.68 34.79
CA ILE B 355 15.19 7.69 33.36
C ILE B 355 16.34 7.27 32.45
N ASN B 356 17.52 7.84 32.68
CA ASN B 356 18.70 7.53 31.87
C ASN B 356 19.11 6.05 31.94
N GLU B 357 18.84 5.42 33.07
CA GLU B 357 19.13 4.00 33.26
C GLU B 357 18.14 3.19 32.43
N GLY B 358 16.92 3.71 32.32
CA GLY B 358 15.87 3.06 31.55
C GLY B 358 16.23 3.03 30.07
N PHE B 359 16.86 4.09 29.58
CA PHE B 359 17.27 4.15 28.18
C PHE B 359 18.49 3.25 27.93
N ASP B 360 19.29 3.08 28.97
CA ASP B 360 20.46 2.22 28.89
C ASP B 360 19.98 0.78 28.74
N LEU B 361 18.90 0.47 29.45
CA LEU B 361 18.30 -0.86 29.38
C LEU B 361 17.81 -1.17 27.97
N LEU B 362 17.24 -0.15 27.33
CA LEU B 362 16.73 -0.29 25.96
C LEU B 362 17.86 -0.62 25.01
N HIS B 363 18.95 0.12 25.14
CA HIS B 363 20.13 -0.04 24.31
C HIS B 363 20.79 -1.40 24.56
N SER B 364 20.72 -1.87 25.80
CA SER B 364 21.29 -3.17 26.19
C SER B 364 20.62 -4.33 25.50
N GLY B 365 19.32 -4.18 25.24
CA GLY B 365 18.57 -5.26 24.62
C GLY B 365 18.00 -6.17 25.70
N LYS B 366 18.10 -5.73 26.94
CA LYS B 366 17.61 -6.49 28.10
C LYS B 366 16.15 -6.22 28.44
N SER B 367 15.67 -5.05 28.06
CA SER B 367 14.28 -4.70 28.35
C SER B 367 13.41 -4.65 27.11
N ILE B 368 12.12 -4.68 27.38
CA ILE B 368 11.10 -4.56 26.36
C ILE B 368 10.56 -3.21 26.79
N ARG B 369 9.66 -3.21 27.77
CA ARG B 369 9.14 -1.95 28.29
C ARG B 369 9.55 -1.72 29.74
N THR B 370 10.15 -0.56 29.97
CA THR B 370 10.59 -0.15 31.29
C THR B 370 9.64 0.98 31.71
N ILE B 371 8.87 0.77 32.78
CA ILE B 371 7.94 1.79 33.27
C ILE B 371 8.56 2.69 34.33
N LEU B 372 8.47 4.00 34.13
CA LEU B 372 9.01 4.96 35.10
C LEU B 372 7.89 5.44 36.01
N MET B 373 8.04 5.18 37.30
CA MET B 373 7.05 5.60 38.30
C MET B 373 7.39 6.99 38.82
N PHE B 374 6.39 7.87 38.89
CA PHE B 374 6.63 9.22 39.40
C PHE B 374 6.44 9.29 40.92
#